data_9VFQ
#
_entry.id   9VFQ
#
loop_
_entity.id
_entity.type
_entity.pdbx_description
1 polymer VP1
2 polymer VP2
3 polymer VP3
4 polymer VP4
5 non-polymer 'STEARIC ACID'
#
loop_
_entity_poly.entity_id
_entity_poly.type
_entity_poly.pdbx_seq_one_letter_code
_entity_poly.pdbx_strand_id
1 'polypeptide(L)'
;NDPITNAVESAVSALADTTISRVTAANTAASTHSLGTGRVPALQAAETGASSNSSDENLIETRCVMNRNGVNEASVEHFY
SRAGLVGVVEVKDSGTSLDGYTVWPIDVMGFVQQRRKLELSTYMRFDAEFTFVSNLNNSTTPGMLLQYMYVPPGAPKPDS
RKSYQWQTATNPSVFAKLSDPPPQVSVPFMSPATAYQWFYDGYPTFGEHKQATNLQYGQCPNNMMGHFAIRTVSESTTGK
NIHVRVYMRIKHVRAWVPRPLRSQAYMVKNYPTYSQTITNTATDRASITTTDYEGGVPASPQRTS
;
A
2 'polypeptide(L)'
;SPSVEACGYSDRVAQLTVGNSTITTQEAANIVLSYGEWPEYCPSTDATAVDKPTRPDVSVNRFYTLSTKSWKTESTGWYW
KFPDVLNDTGVFGQNAQFHYLYRSGFCMHVQCNASKFHQGALLVAAIPEFVIAASSPATKPNSQGLYPDFAHTNPGKDGQ
EFRDPYVLDAGIPLSQALIFPHQWINLRTNNCATIIMPYINALPFDSALNHSNFGLVVIPISPLKYCNGATTEVPITLTI
APLNSEFSGLRQAIKQ
;
B
3 'polypeptide(L)'
;GFPTELKPGTNQFLTTDDGTSPPILPGFEPTPLIHIPGEFTSLLDLCQVETILEVNNTTGTTGVSRLLIPVRAQNNVDQL
CASFQVDPGRNGPWQSTMVGQICRYYTQWSGSLKVTFMFTGSFMATGKMLIAYTPPGSAQPTTREAAMLGTHIVWDFGLQ
SSVTLVIPWISNTHFRAVKTGGVYDYYATGIVTIWYQTNFVVPPDTPTEANIIALGAAQKNFTLKLCKDTDEIQQTAEYQ
;
C
4 'polypeptide(L)' MGAQVSTQKSGSHETRNVATEGSTINFTNINYYKDSYAASASRQDFAQDPAKFTRPVLDAIREAAAPLQ D
#
# COMPACT_ATOMS: atom_id res chain seq x y z
N SER A 10 -38.15 -12.17 -19.37
CA SER A 10 -37.99 -10.71 -19.42
C SER A 10 -36.92 -10.25 -18.45
N ALA A 11 -37.04 -9.01 -17.99
CA ALA A 11 -36.10 -8.44 -17.04
C ALA A 11 -36.46 -8.75 -15.59
N VAL A 12 -37.50 -9.55 -15.36
CA VAL A 12 -37.84 -9.95 -13.99
C VAL A 12 -36.73 -10.84 -13.42
N SER A 13 -36.08 -11.63 -14.27
CA SER A 13 -34.95 -12.43 -13.82
C SER A 13 -33.78 -11.55 -13.43
N ALA A 14 -33.64 -10.40 -14.08
CA ALA A 14 -32.55 -9.48 -13.75
C ALA A 14 -32.73 -8.89 -12.36
N LEU A 15 -33.93 -8.37 -12.06
CA LEU A 15 -34.15 -7.73 -10.78
C LEU A 15 -34.15 -8.73 -9.63
N ALA A 16 -34.45 -9.99 -9.91
CA ALA A 16 -34.41 -11.01 -8.87
C ALA A 16 -32.98 -11.31 -8.43
N ASP A 17 -32.04 -11.26 -9.36
CA ASP A 17 -30.64 -11.55 -9.06
C ASP A 17 -29.85 -10.27 -8.78
N THR A 18 -30.36 -9.50 -7.81
CA THR A 18 -29.70 -8.28 -7.37
C THR A 18 -29.29 -8.31 -5.90
N THR A 19 -29.83 -9.22 -5.10
CA THR A 19 -29.42 -9.32 -3.71
C THR A 19 -27.95 -9.70 -3.63
N ILE A 20 -27.27 -9.20 -2.60
CA ILE A 20 -25.85 -9.45 -2.42
C ILE A 20 -25.67 -10.94 -2.14
N SER A 21 -25.09 -11.67 -3.11
CA SER A 21 -24.86 -13.10 -2.93
C SER A 21 -23.61 -13.31 -2.09
N ARG A 22 -23.70 -14.26 -1.15
CA ARG A 22 -22.62 -14.50 -0.20
C ARG A 22 -21.63 -15.51 -0.77
N VAL A 23 -20.36 -15.14 -0.77
CA VAL A 23 -19.26 -16.08 -1.00
C VAL A 23 -18.48 -16.20 0.30
N THR A 24 -18.28 -17.42 0.77
CA THR A 24 -17.74 -17.64 2.09
C THR A 24 -16.23 -17.73 2.07
N ALA A 25 -15.63 -17.64 3.26
CA ALA A 25 -14.20 -17.80 3.39
C ALA A 25 -13.79 -19.25 3.14
N ALA A 26 -12.49 -19.47 3.05
CA ALA A 26 -11.99 -20.79 2.69
C ALA A 26 -12.24 -21.79 3.81
N ASN A 27 -12.63 -22.99 3.44
CA ASN A 27 -12.85 -24.04 4.41
C ASN A 27 -11.52 -24.63 4.87
N THR A 28 -11.57 -25.33 5.99
CA THR A 28 -10.42 -26.04 6.53
C THR A 28 -10.70 -27.53 6.46
N ALA A 29 -9.80 -28.27 5.81
CA ALA A 29 -9.96 -29.70 5.69
C ALA A 29 -9.31 -30.41 6.87
N ALA A 30 -9.81 -31.61 7.16
CA ALA A 30 -9.24 -32.41 8.22
C ALA A 30 -7.85 -32.89 7.84
N SER A 31 -6.98 -33.02 8.83
CA SER A 31 -5.61 -33.45 8.59
C SER A 31 -5.15 -34.34 9.74
N THR A 32 -4.07 -35.06 9.51
CA THR A 32 -3.52 -35.98 10.48
C THR A 32 -2.02 -35.74 10.61
N HIS A 33 -1.40 -36.50 11.51
CA HIS A 33 0.03 -36.39 11.73
C HIS A 33 0.81 -37.00 10.58
N SER A 34 1.99 -36.46 10.34
CA SER A 34 2.84 -36.91 9.24
C SER A 34 4.26 -37.03 9.74
N LEU A 35 4.86 -38.22 9.58
CA LEU A 35 6.23 -38.49 10.01
C LEU A 35 7.02 -38.99 8.82
N GLY A 36 7.84 -38.11 8.23
CA GLY A 36 8.64 -38.51 7.10
C GLY A 36 9.61 -37.40 6.74
N THR A 37 10.46 -37.70 5.77
CA THR A 37 11.46 -36.76 5.30
C THR A 37 11.10 -36.27 3.89
N GLY A 38 11.70 -35.16 3.49
CA GLY A 38 11.50 -34.62 2.18
C GLY A 38 10.23 -33.81 1.99
N ARG A 39 9.33 -33.81 2.96
CA ARG A 39 8.08 -33.07 2.89
C ARG A 39 8.11 -32.03 3.99
N VAL A 40 8.50 -30.80 3.64
CA VAL A 40 8.66 -29.75 4.64
C VAL A 40 7.83 -28.53 4.27
N PRO A 41 6.52 -28.55 4.48
CA PRO A 41 5.70 -27.38 4.17
C PRO A 41 5.94 -26.21 5.10
N ALA A 42 6.63 -26.40 6.22
CA ALA A 42 6.88 -25.29 7.14
C ALA A 42 8.09 -24.47 6.72
N LEU A 43 9.10 -25.11 6.13
CA LEU A 43 10.28 -24.38 5.71
C LEU A 43 9.96 -23.53 4.48
N GLN A 44 10.31 -22.26 4.55
CA GLN A 44 10.05 -21.32 3.48
C GLN A 44 11.34 -20.61 3.11
N ALA A 45 11.26 -19.74 2.10
CA ALA A 45 12.39 -18.90 1.70
C ALA A 45 11.80 -17.52 1.44
N ALA A 46 11.80 -16.68 2.48
CA ALA A 46 11.23 -15.35 2.34
C ALA A 46 12.01 -14.48 1.39
N GLU A 47 13.27 -14.84 1.09
CA GLU A 47 14.06 -14.05 0.15
C GLU A 47 13.47 -14.05 -1.24
N THR A 48 12.69 -15.07 -1.60
CA THR A 48 12.11 -15.13 -2.92
C THR A 48 11.07 -14.05 -3.16
N GLY A 49 10.71 -13.29 -2.13
CA GLY A 49 9.70 -12.27 -2.29
C GLY A 49 8.28 -12.77 -2.32
N ALA A 50 8.07 -14.07 -2.16
CA ALA A 50 6.74 -14.64 -2.14
C ALA A 50 6.33 -14.93 -0.70
N SER A 51 5.06 -14.72 -0.40
CA SER A 51 4.55 -15.05 0.92
C SER A 51 4.46 -16.56 1.08
N SER A 52 4.51 -17.01 2.33
CA SER A 52 4.51 -18.43 2.61
C SER A 52 3.19 -19.05 2.20
N ASN A 53 3.28 -20.21 1.53
CA ASN A 53 2.10 -20.95 1.11
C ASN A 53 1.73 -22.05 2.10
N SER A 54 2.24 -21.98 3.32
CA SER A 54 1.93 -23.00 4.31
C SER A 54 0.47 -22.89 4.74
N SER A 55 -0.18 -24.03 4.86
CA SER A 55 -1.56 -24.12 5.28
C SER A 55 -1.64 -24.62 6.71
N ASP A 56 -2.77 -24.39 7.37
CA ASP A 56 -2.92 -24.94 8.74
C ASP A 56 -2.89 -26.47 8.65
N GLU A 57 -3.49 -27.04 7.60
CA GLU A 57 -3.56 -28.49 7.53
C GLU A 57 -2.20 -29.14 7.61
N ASN A 58 -1.14 -28.43 7.27
CA ASN A 58 0.18 -29.02 7.15
C ASN A 58 1.07 -28.75 8.35
N LEU A 59 0.63 -27.93 9.30
CA LEU A 59 1.43 -27.64 10.48
C LEU A 59 0.84 -28.16 11.78
N ILE A 60 -0.48 -28.33 11.85
CA ILE A 60 -1.12 -28.95 12.99
C ILE A 60 -2.14 -29.96 12.47
N GLU A 61 -2.78 -30.66 13.39
CA GLU A 61 -3.85 -31.58 13.05
C GLU A 61 -5.17 -30.83 13.17
N THR A 62 -5.79 -30.53 12.03
CA THR A 62 -7.00 -29.74 11.98
C THR A 62 -8.22 -30.62 11.81
N ARG A 63 -9.38 -30.03 12.06
CA ARG A 63 -10.66 -30.67 11.82
C ARG A 63 -11.28 -30.12 10.55
N CYS A 64 -12.37 -30.73 10.12
CA CYS A 64 -13.09 -30.24 8.96
C CYS A 64 -14.02 -29.12 9.39
N VAL A 65 -13.78 -27.91 8.88
CA VAL A 65 -14.59 -26.75 9.19
C VAL A 65 -15.17 -26.22 7.89
N MET A 66 -16.46 -26.42 7.70
CA MET A 66 -17.18 -25.84 6.57
C MET A 66 -17.44 -24.38 6.90
N ASN A 67 -16.47 -23.54 6.59
CA ASN A 67 -16.54 -22.12 6.94
C ASN A 67 -17.67 -21.44 6.18
N ARG A 68 -18.43 -20.61 6.90
CA ARG A 68 -19.55 -19.89 6.30
C ARG A 68 -19.47 -18.39 6.57
N ASN A 69 -18.30 -17.88 6.93
CA ASN A 69 -18.12 -16.45 7.14
C ASN A 69 -18.05 -15.74 5.79
N GLY A 70 -18.85 -14.69 5.64
CA GLY A 70 -18.91 -13.98 4.38
C GLY A 70 -17.74 -13.03 4.22
N VAL A 71 -17.20 -12.95 3.00
CA VAL A 71 -16.05 -12.13 2.70
C VAL A 71 -16.40 -10.93 1.83
N ASN A 72 -17.68 -10.70 1.56
CA ASN A 72 -18.06 -9.69 0.58
C ASN A 72 -17.80 -8.27 1.04
N GLU A 73 -17.66 -8.04 2.35
CA GLU A 73 -17.53 -6.67 2.82
C GLU A 73 -16.12 -6.13 2.62
N ALA A 74 -15.16 -6.99 2.35
CA ALA A 74 -13.77 -6.58 2.19
C ALA A 74 -13.43 -6.22 0.75
N SER A 75 -14.41 -6.13 -0.13
CA SER A 75 -14.13 -5.74 -1.51
C SER A 75 -13.76 -4.26 -1.57
N VAL A 76 -13.13 -3.88 -2.68
CA VAL A 76 -12.72 -2.50 -2.85
C VAL A 76 -13.92 -1.56 -2.88
N GLU A 77 -14.97 -1.99 -3.58
CA GLU A 77 -16.17 -1.14 -3.72
C GLU A 77 -16.73 -0.84 -2.33
N HIS A 78 -17.07 -1.87 -1.57
CA HIS A 78 -17.67 -1.66 -0.26
C HIS A 78 -16.75 -0.88 0.66
N PHE A 79 -15.44 -1.04 0.50
CA PHE A 79 -14.50 -0.30 1.33
C PHE A 79 -14.51 1.19 1.00
N TYR A 80 -14.78 1.54 -0.25
CA TYR A 80 -14.70 2.93 -0.68
C TYR A 80 -16.05 3.60 -0.84
N SER A 81 -17.11 2.86 -1.17
CA SER A 81 -18.40 3.48 -1.42
C SER A 81 -19.03 3.92 -0.12
N ARG A 82 -18.41 4.90 0.53
CA ARG A 82 -18.90 5.46 1.79
C ARG A 82 -18.58 6.94 1.77
N ALA A 83 -19.61 7.77 1.79
CA ALA A 83 -19.42 9.20 1.65
C ALA A 83 -18.65 9.75 2.84
N GLY A 84 -17.49 10.34 2.58
CA GLY A 84 -16.72 10.98 3.63
C GLY A 84 -16.49 12.44 3.31
N LEU A 85 -16.12 13.23 4.32
CA LEU A 85 -15.89 14.64 4.11
C LEU A 85 -14.65 14.86 3.26
N VAL A 86 -14.78 15.66 2.21
CA VAL A 86 -13.65 15.99 1.34
C VAL A 86 -13.40 17.48 1.24
N GLY A 87 -14.33 18.32 1.67
CA GLY A 87 -14.12 19.75 1.57
C GLY A 87 -15.07 20.55 2.42
N VAL A 88 -14.56 21.61 3.03
CA VAL A 88 -15.37 22.54 3.81
C VAL A 88 -15.21 23.91 3.19
N VAL A 89 -16.31 24.47 2.71
CA VAL A 89 -16.31 25.74 2.00
C VAL A 89 -17.12 26.73 2.83
N GLU A 90 -16.51 27.87 3.12
CA GLU A 90 -17.19 28.95 3.85
C GLU A 90 -17.56 30.04 2.86
N VAL A 91 -18.86 30.30 2.73
CA VAL A 91 -19.35 31.38 1.87
C VAL A 91 -19.47 32.61 2.78
N LYS A 92 -18.37 33.35 2.89
CA LYS A 92 -18.33 34.50 3.78
C LYS A 92 -19.14 35.65 3.19
N ASP A 93 -20.06 36.18 3.97
CA ASP A 93 -20.87 37.32 3.54
C ASP A 93 -21.08 38.31 4.69
N SER A 94 -20.15 38.37 5.63
CA SER A 94 -20.30 39.24 6.77
C SER A 94 -18.92 39.67 7.25
N GLY A 95 -18.91 40.70 8.09
CA GLY A 95 -17.65 41.15 8.66
C GLY A 95 -16.82 41.87 7.63
N THR A 96 -15.56 41.45 7.49
CA THR A 96 -14.63 42.12 6.60
C THR A 96 -14.70 41.62 5.17
N SER A 97 -15.30 40.46 4.94
CA SER A 97 -15.38 39.86 3.61
C SER A 97 -16.84 39.75 3.22
N LEU A 98 -17.33 40.74 2.48
CA LEU A 98 -18.71 40.76 2.01
C LEU A 98 -18.78 40.22 0.58
N ASP A 99 -18.33 38.98 0.42
CA ASP A 99 -18.28 38.36 -0.90
C ASP A 99 -19.61 37.72 -1.29
N GLY A 100 -20.20 36.95 -0.40
CA GLY A 100 -21.38 36.20 -0.78
C GLY A 100 -21.12 35.10 -1.78
N TYR A 101 -19.85 34.80 -2.05
CA TYR A 101 -19.48 33.76 -2.99
C TYR A 101 -18.10 33.27 -2.61
N THR A 102 -17.77 32.09 -3.11
CA THR A 102 -16.44 31.53 -2.89
C THR A 102 -16.17 30.47 -3.92
N VAL A 103 -14.94 30.43 -4.41
CA VAL A 103 -14.51 29.47 -5.43
C VAL A 103 -13.54 28.52 -4.76
N TRP A 104 -13.94 27.27 -4.62
CA TRP A 104 -13.16 26.28 -3.89
C TRP A 104 -12.47 25.34 -4.87
N PRO A 105 -11.16 25.22 -4.83
CA PRO A 105 -10.46 24.28 -5.74
C PRO A 105 -10.73 22.85 -5.33
N ILE A 106 -11.26 22.06 -6.26
CA ILE A 106 -11.65 20.69 -5.96
C ILE A 106 -10.40 19.86 -5.69
N ASP A 107 -10.21 19.45 -4.44
CA ASP A 107 -9.11 18.57 -4.07
C ASP A 107 -9.58 17.73 -2.90
N VAL A 108 -9.51 16.40 -3.06
CA VAL A 108 -10.06 15.49 -2.07
C VAL A 108 -9.00 15.09 -1.05
N MET A 109 -7.87 15.79 -1.05
CA MET A 109 -6.76 15.44 -0.18
C MET A 109 -6.61 16.42 0.98
N GLY A 110 -7.71 16.99 1.44
CA GLY A 110 -7.63 17.97 2.51
C GLY A 110 -7.96 17.42 3.88
N PHE A 111 -8.54 16.23 3.93
CA PHE A 111 -9.00 15.66 5.18
C PHE A 111 -8.50 14.22 5.31
N VAL A 112 -8.11 13.87 6.53
CA VAL A 112 -7.25 12.69 6.73
C VAL A 112 -8.01 11.41 6.41
N GLN A 113 -9.26 11.30 6.86
CA GLN A 113 -9.95 10.02 6.78
C GLN A 113 -10.18 9.60 5.34
N GLN A 114 -10.65 10.53 4.51
CA GLN A 114 -10.81 10.21 3.09
C GLN A 114 -9.45 10.08 2.41
N ARG A 115 -8.47 10.87 2.84
CA ARG A 115 -7.17 10.86 2.17
C ARG A 115 -6.43 9.56 2.41
N ARG A 116 -6.40 9.09 3.65
CA ARG A 116 -5.66 7.87 3.95
C ARG A 116 -6.26 6.67 3.24
N LYS A 117 -7.59 6.59 3.18
CA LYS A 117 -8.23 5.49 2.45
C LYS A 117 -7.89 5.55 0.97
N LEU A 118 -7.90 6.74 0.39
CA LEU A 118 -7.64 6.86 -1.04
C LEU A 118 -6.20 6.50 -1.37
N GLU A 119 -5.25 6.88 -0.51
CA GLU A 119 -3.85 6.61 -0.79
C GLU A 119 -3.47 5.17 -0.54
N LEU A 120 -4.41 4.30 -0.21
CA LEU A 120 -4.12 2.87 -0.16
C LEU A 120 -3.70 2.36 -1.54
N SER A 121 -4.17 3.01 -2.59
CA SER A 121 -3.87 2.61 -3.96
C SER A 121 -3.17 3.74 -4.70
N THR A 122 -2.46 3.37 -5.76
CA THR A 122 -1.72 4.34 -6.55
C THR A 122 -2.61 5.01 -7.59
N TYR A 123 -3.29 4.21 -8.40
CA TYR A 123 -4.21 4.70 -9.41
C TYR A 123 -5.63 4.30 -9.03
N MET A 124 -6.58 5.18 -9.33
CA MET A 124 -7.98 4.90 -9.08
C MET A 124 -8.82 5.50 -10.18
N ARG A 125 -9.78 4.73 -10.68
CA ARG A 125 -10.74 5.19 -11.67
C ARG A 125 -12.13 4.95 -11.10
N PHE A 126 -12.93 6.02 -11.01
CA PHE A 126 -14.21 5.88 -10.33
C PHE A 126 -15.12 7.03 -10.69
N ASP A 127 -16.42 6.79 -10.50
CA ASP A 127 -17.42 7.84 -10.47
C ASP A 127 -17.68 8.23 -9.03
N ALA A 128 -18.22 9.42 -8.85
CA ALA A 128 -18.46 9.96 -7.51
C ALA A 128 -19.87 10.49 -7.40
N GLU A 129 -20.39 10.49 -6.17
CA GLU A 129 -21.69 11.08 -5.85
C GLU A 129 -21.44 12.14 -4.80
N PHE A 130 -21.45 13.40 -5.20
CA PHE A 130 -21.17 14.50 -4.31
C PHE A 130 -22.44 14.98 -3.62
N THR A 131 -22.34 15.24 -2.32
CA THR A 131 -23.45 15.73 -1.52
C THR A 131 -23.00 16.97 -0.77
N PHE A 132 -23.86 17.99 -0.75
CA PHE A 132 -23.54 19.26 -0.14
C PHE A 132 -24.43 19.48 1.07
N VAL A 133 -23.82 19.59 2.24
CA VAL A 133 -24.53 19.85 3.49
C VAL A 133 -24.19 21.27 3.90
N SER A 134 -25.13 22.18 3.65
CA SER A 134 -24.90 23.60 3.93
C SER A 134 -25.80 24.09 5.06
N ASN A 135 -25.28 24.96 5.91
CA ASN A 135 -26.03 25.50 7.04
C ASN A 135 -25.29 26.73 7.56
N LEU A 136 -25.97 27.47 8.43
CA LEU A 136 -25.36 28.63 9.07
C LEU A 136 -24.46 28.19 10.22
N ASN A 137 -23.90 29.16 10.93
CA ASN A 137 -22.99 28.83 12.03
C ASN A 137 -23.72 28.20 13.20
N ASN A 138 -24.95 28.62 13.47
CA ASN A 138 -25.73 28.03 14.55
C ASN A 138 -26.45 26.77 14.13
N SER A 139 -26.03 26.15 13.03
CA SER A 139 -26.55 24.91 12.47
C SER A 139 -27.95 25.06 11.91
N THR A 140 -28.55 26.23 11.95
CA THR A 140 -29.87 26.40 11.38
C THR A 140 -29.79 26.48 9.86
N THR A 141 -30.92 26.26 9.21
CA THR A 141 -31.03 26.25 7.75
C THR A 141 -32.24 27.05 7.31
N PRO A 142 -32.14 28.38 7.31
CA PRO A 142 -33.24 29.19 6.77
C PRO A 142 -33.33 29.05 5.27
N GLY A 143 -34.50 29.34 4.73
CA GLY A 143 -34.64 29.29 3.29
C GLY A 143 -33.78 30.35 2.64
N MET A 144 -32.67 29.94 2.04
CA MET A 144 -31.74 30.86 1.38
C MET A 144 -31.26 30.19 0.11
N LEU A 145 -31.54 30.80 -1.03
CA LEU A 145 -31.24 30.19 -2.30
C LEU A 145 -29.73 30.20 -2.54
N LEU A 146 -29.15 29.02 -2.71
CA LEU A 146 -27.74 28.89 -3.00
C LEU A 146 -27.56 28.33 -4.41
N GLN A 147 -26.43 28.67 -5.03
CA GLN A 147 -26.09 28.17 -6.35
C GLN A 147 -24.70 27.55 -6.27
N TYR A 148 -24.62 26.26 -6.55
CA TYR A 148 -23.36 25.53 -6.56
C TYR A 148 -23.01 25.27 -8.03
N MET A 149 -22.13 26.09 -8.58
CA MET A 149 -21.73 25.94 -9.97
C MET A 149 -20.37 25.25 -10.04
N TYR A 150 -20.29 24.21 -10.86
CA TYR A 150 -19.04 23.50 -11.09
C TYR A 150 -18.30 24.17 -12.25
N VAL A 151 -17.09 24.64 -11.99
CA VAL A 151 -16.31 25.35 -13.00
C VAL A 151 -15.19 24.45 -13.49
N PRO A 152 -15.34 23.82 -14.64
CA PRO A 152 -14.30 22.92 -15.15
C PRO A 152 -13.02 23.69 -15.44
N PRO A 153 -11.89 23.00 -15.54
CA PRO A 153 -10.61 23.69 -15.77
C PRO A 153 -10.61 24.41 -17.11
N GLY A 154 -10.56 25.74 -17.06
CA GLY A 154 -10.56 26.58 -18.23
C GLY A 154 -11.77 27.48 -18.34
N ALA A 155 -12.88 27.07 -17.75
CA ALA A 155 -14.05 27.93 -17.71
C ALA A 155 -13.77 29.17 -16.89
N PRO A 156 -14.41 30.29 -17.19
CA PRO A 156 -14.13 31.53 -16.45
C PRO A 156 -14.67 31.46 -15.03
N LYS A 157 -13.83 31.82 -14.08
CA LYS A 157 -14.27 31.74 -12.69
C LYS A 157 -14.95 33.04 -12.27
N PRO A 158 -16.00 32.96 -11.46
CA PRO A 158 -16.65 34.18 -11.00
C PRO A 158 -15.75 34.98 -10.08
N ASP A 159 -15.95 36.30 -10.10
CA ASP A 159 -15.21 37.21 -9.25
C ASP A 159 -16.12 38.07 -8.40
N SER A 160 -17.44 37.88 -8.49
CA SER A 160 -18.38 38.59 -7.63
C SER A 160 -19.66 37.77 -7.59
N ARG A 161 -20.58 38.19 -6.72
CA ARG A 161 -21.86 37.52 -6.64
C ARG A 161 -22.78 37.85 -7.79
N LYS A 162 -22.42 38.81 -8.64
CA LYS A 162 -23.26 39.24 -9.74
C LYS A 162 -22.65 39.02 -11.10
N SER A 163 -21.41 38.52 -11.17
CA SER A 163 -20.72 38.44 -12.44
C SER A 163 -21.46 37.52 -13.41
N TYR A 164 -21.11 37.65 -14.69
CA TYR A 164 -21.87 36.97 -15.72
C TYR A 164 -21.68 35.45 -15.69
N GLN A 165 -20.62 34.96 -15.07
CA GLN A 165 -20.38 33.52 -15.08
C GLN A 165 -21.49 32.74 -14.41
N TRP A 166 -22.28 33.38 -13.55
CA TRP A 166 -23.36 32.67 -12.90
C TRP A 166 -24.53 32.40 -13.81
N GLN A 167 -24.49 32.84 -15.06
CA GLN A 167 -25.57 32.53 -15.99
C GLN A 167 -25.62 31.04 -16.30
N THR A 168 -24.47 30.38 -16.26
CA THR A 168 -24.40 28.92 -16.28
C THR A 168 -25.01 28.33 -17.54
N ALA A 169 -24.85 29.04 -18.66
CA ALA A 169 -25.55 28.57 -19.87
C ALA A 169 -24.99 27.24 -20.33
N THR A 170 -23.83 26.85 -19.81
CA THR A 170 -23.25 25.54 -20.15
C THR A 170 -22.71 24.89 -18.91
N ASN A 171 -22.04 25.65 -18.05
CA ASN A 171 -21.53 25.10 -16.77
C ASN A 171 -22.69 24.42 -16.04
N PRO A 172 -22.52 23.20 -15.48
CA PRO A 172 -23.59 22.60 -14.70
C PRO A 172 -23.76 23.35 -13.38
N SER A 173 -25.01 23.68 -13.03
CA SER A 173 -25.27 24.47 -11.81
C SER A 173 -26.44 23.87 -11.02
N VAL A 174 -26.37 23.93 -9.69
CA VAL A 174 -27.45 23.37 -8.83
C VAL A 174 -27.99 24.49 -7.95
N PHE A 175 -29.30 24.71 -7.98
CA PHE A 175 -29.96 25.70 -7.16
C PHE A 175 -30.74 24.99 -6.06
N ALA A 176 -30.47 25.36 -4.82
CA ALA A 176 -31.15 24.71 -3.71
C ALA A 176 -31.10 25.61 -2.48
N LYS A 177 -32.20 25.65 -1.74
CA LYS A 177 -32.23 26.41 -0.51
C LYS A 177 -31.52 25.64 0.59
N LEU A 178 -31.20 26.34 1.68
CA LEU A 178 -30.61 25.65 2.82
C LEU A 178 -31.61 24.71 3.48
N SER A 179 -32.89 25.05 3.43
CA SER A 179 -33.89 24.23 4.11
C SER A 179 -34.19 22.94 3.36
N ASP A 180 -33.81 22.84 2.10
CA ASP A 180 -34.03 21.63 1.35
C ASP A 180 -33.11 20.52 1.85
N PRO A 181 -33.44 19.26 1.56
CA PRO A 181 -32.50 18.19 1.81
C PRO A 181 -31.21 18.42 1.04
N PRO A 182 -30.10 17.83 1.48
CA PRO A 182 -28.81 18.14 0.86
C PRO A 182 -28.81 17.82 -0.62
N PRO A 183 -28.36 18.76 -1.44
CA PRO A 183 -28.22 18.47 -2.88
C PRO A 183 -27.24 17.33 -3.11
N GLN A 184 -27.53 16.53 -4.13
CA GLN A 184 -26.71 15.36 -4.42
C GLN A 184 -26.65 15.17 -5.92
N VAL A 185 -25.44 15.05 -6.45
CA VAL A 185 -25.23 14.84 -7.88
C VAL A 185 -24.19 13.75 -8.07
N SER A 186 -24.29 13.04 -9.18
CA SER A 186 -23.33 12.00 -9.52
C SER A 186 -22.39 12.54 -10.60
N VAL A 187 -21.10 12.43 -10.35
CA VAL A 187 -20.05 13.00 -11.20
C VAL A 187 -19.33 11.84 -11.88
N PRO A 188 -19.10 11.90 -13.19
CA PRO A 188 -18.44 10.80 -13.88
C PRO A 188 -16.94 10.82 -13.62
N PHE A 189 -16.25 9.84 -14.19
CA PHE A 189 -14.79 9.81 -14.14
C PHE A 189 -14.27 10.85 -15.11
N MET A 190 -13.95 12.03 -14.61
CA MET A 190 -13.47 13.13 -15.44
C MET A 190 -11.97 13.23 -15.27
N SER A 191 -11.24 12.82 -16.29
CA SER A 191 -9.79 12.89 -16.27
C SER A 191 -9.24 12.62 -17.66
N PRO A 192 -8.23 13.36 -18.10
CA PRO A 192 -7.60 13.03 -19.38
C PRO A 192 -6.88 11.70 -19.35
N ALA A 193 -6.54 11.19 -18.18
CA ALA A 193 -5.83 9.93 -18.06
C ALA A 193 -6.80 8.77 -17.96
N THR A 194 -6.26 7.56 -17.84
CA THR A 194 -7.11 6.39 -17.63
C THR A 194 -7.58 6.30 -16.20
N ALA A 195 -6.83 6.84 -15.26
CA ALA A 195 -7.20 6.80 -13.85
C ALA A 195 -6.62 8.00 -13.14
N TYR A 196 -7.24 8.36 -12.01
CA TYR A 196 -6.67 9.45 -11.19
C TYR A 196 -5.41 8.89 -10.57
N GLN A 197 -4.40 9.73 -10.37
CA GLN A 197 -3.10 9.26 -9.86
C GLN A 197 -2.78 9.97 -8.54
N TRP A 198 -2.97 9.31 -7.41
CA TRP A 198 -2.77 10.00 -6.12
C TRP A 198 -1.29 10.26 -5.91
N PHE A 199 -0.42 9.55 -6.62
CA PHE A 199 1.05 9.71 -6.48
C PHE A 199 1.63 9.85 -7.87
N TYR A 200 2.31 10.97 -8.15
CA TYR A 200 2.87 11.22 -9.47
C TYR A 200 4.34 11.60 -9.27
N ASP A 201 5.22 10.61 -9.40
CA ASP A 201 6.66 10.84 -9.20
C ASP A 201 7.22 11.50 -10.46
N GLY A 202 6.98 12.80 -10.56
CA GLY A 202 7.46 13.52 -11.73
C GLY A 202 7.07 14.98 -11.66
N TYR A 203 7.34 15.67 -12.76
CA TYR A 203 7.05 17.09 -12.87
C TYR A 203 6.07 17.33 -14.02
N PRO A 204 5.21 18.33 -13.89
CA PRO A 204 4.22 18.56 -14.96
C PRO A 204 4.82 19.14 -16.22
N THR A 205 5.87 19.95 -16.11
CA THR A 205 6.45 20.63 -17.25
C THR A 205 7.93 20.30 -17.34
N PHE A 206 8.49 20.56 -18.52
CA PHE A 206 9.94 20.44 -18.69
C PHE A 206 10.64 21.65 -18.09
N GLY A 207 11.95 21.54 -17.96
CA GLY A 207 12.75 22.63 -17.46
C GLY A 207 13.89 22.11 -16.63
N GLU A 208 14.59 23.03 -15.98
CA GLU A 208 15.72 22.67 -15.14
C GLU A 208 15.30 22.22 -13.74
N HIS A 209 14.14 22.69 -13.26
CA HIS A 209 13.65 22.36 -11.92
C HIS A 209 14.66 22.75 -10.85
N LYS A 210 15.38 23.84 -11.09
CA LYS A 210 16.36 24.34 -10.16
C LYS A 210 15.80 25.40 -9.23
N GLN A 211 14.49 25.44 -9.06
CA GLN A 211 13.86 26.45 -8.22
C GLN A 211 14.21 26.22 -6.75
N ALA A 212 14.13 27.29 -5.96
CA ALA A 212 14.44 27.19 -4.55
C ALA A 212 13.40 26.38 -3.80
N THR A 213 12.13 26.51 -4.19
CA THR A 213 11.06 25.78 -3.51
C THR A 213 10.77 24.44 -4.18
N ASN A 214 10.67 24.42 -5.50
CA ASN A 214 10.36 23.20 -6.25
C ASN A 214 8.98 22.68 -5.89
N LEU A 215 8.00 23.58 -5.88
CA LEU A 215 6.66 23.20 -5.47
C LEU A 215 5.90 22.45 -6.55
N GLN A 216 6.43 22.40 -7.76
CA GLN A 216 5.75 21.69 -8.83
C GLN A 216 5.97 20.18 -8.81
N TYR A 217 6.88 19.69 -7.97
CA TYR A 217 7.16 18.27 -7.95
C TYR A 217 5.96 17.49 -7.47
N GLY A 218 5.52 16.52 -8.27
CA GLY A 218 4.43 15.65 -7.89
C GLY A 218 3.05 16.13 -8.26
N GLN A 219 2.93 17.27 -8.94
CA GLN A 219 1.64 17.84 -9.28
C GLN A 219 1.25 17.37 -10.67
N CYS A 220 0.39 16.36 -10.74
CA CYS A 220 -0.09 15.86 -12.01
C CYS A 220 -1.39 16.54 -12.37
N PRO A 221 -1.44 17.34 -13.44
CA PRO A 221 -2.68 18.04 -13.77
C PRO A 221 -3.84 17.13 -14.15
N ASN A 222 -3.61 15.83 -14.32
CA ASN A 222 -4.70 14.92 -14.60
C ASN A 222 -5.68 14.80 -13.43
N ASN A 223 -5.24 15.15 -12.22
CA ASN A 223 -6.11 15.10 -11.06
C ASN A 223 -6.81 16.41 -10.79
N MET A 224 -6.29 17.52 -11.30
CA MET A 224 -6.88 18.83 -11.06
C MET A 224 -8.14 18.96 -11.92
N MET A 225 -9.30 18.96 -11.29
CA MET A 225 -10.58 18.96 -11.99
C MET A 225 -11.38 20.24 -11.75
N GLY A 226 -10.71 21.38 -11.68
CA GLY A 226 -11.41 22.64 -11.64
C GLY A 226 -11.86 23.07 -10.26
N HIS A 227 -12.93 23.87 -10.20
CA HIS A 227 -13.39 24.46 -8.97
C HIS A 227 -14.90 24.30 -8.82
N PHE A 228 -15.37 24.42 -7.59
CA PHE A 228 -16.78 24.48 -7.28
C PHE A 228 -17.09 25.88 -6.78
N ALA A 229 -17.76 26.67 -7.61
CA ALA A 229 -18.15 28.03 -7.26
C ALA A 229 -19.49 28.00 -6.56
N ILE A 230 -19.56 28.58 -5.37
CA ILE A 230 -20.78 28.60 -4.57
C ILE A 230 -21.10 30.04 -4.20
N ARG A 231 -22.37 30.41 -4.33
CA ARG A 231 -22.80 31.75 -3.95
C ARG A 231 -24.23 31.68 -3.44
N THR A 232 -24.61 32.69 -2.67
CA THR A 232 -26.00 32.91 -2.34
C THR A 232 -26.61 33.80 -3.41
N VAL A 233 -27.76 33.41 -3.92
CA VAL A 233 -28.39 34.20 -4.98
C VAL A 233 -29.05 35.40 -4.31
N SER A 234 -28.28 36.48 -4.18
CA SER A 234 -28.72 37.63 -3.40
C SER A 234 -28.39 38.90 -4.16
N GLU A 235 -29.15 39.95 -3.82
CA GLU A 235 -28.98 41.26 -4.44
C GLU A 235 -27.93 42.11 -3.74
N SER A 236 -27.63 41.81 -2.48
CA SER A 236 -26.64 42.55 -1.71
C SER A 236 -26.10 41.64 -0.63
N THR A 237 -25.35 42.21 0.30
CA THR A 237 -24.79 41.43 1.39
C THR A 237 -25.88 40.97 2.33
N THR A 238 -25.75 39.74 2.83
CA THR A 238 -26.74 39.16 3.73
C THR A 238 -26.30 39.19 5.18
N GLY A 239 -25.01 39.34 5.45
CA GLY A 239 -24.55 39.35 6.82
C GLY A 239 -24.54 38.01 7.50
N LYS A 240 -24.62 36.92 6.74
CA LYS A 240 -24.62 35.58 7.29
C LYS A 240 -23.57 34.74 6.59
N ASN A 241 -22.77 34.02 7.37
CA ASN A 241 -21.78 33.10 6.82
C ASN A 241 -22.37 31.70 6.70
N ILE A 242 -22.09 31.06 5.59
CA ILE A 242 -22.61 29.73 5.30
C ILE A 242 -21.45 28.77 5.15
N HIS A 243 -21.57 27.60 5.76
CA HIS A 243 -20.57 26.55 5.68
C HIS A 243 -21.12 25.41 4.84
N VAL A 244 -20.42 25.12 3.75
CA VAL A 244 -20.83 24.01 2.85
C VAL A 244 -19.86 22.85 3.06
N ARG A 245 -20.35 21.72 3.53
CA ARG A 245 -19.55 20.52 3.71
C ARG A 245 -19.79 19.61 2.52
N VAL A 246 -18.72 19.27 1.81
CA VAL A 246 -18.80 18.47 0.60
C VAL A 246 -18.43 17.04 0.95
N TYR A 247 -19.32 16.11 0.64
CA TYR A 247 -19.12 14.69 0.91
C TYR A 247 -19.05 13.95 -0.41
N MET A 248 -18.04 13.11 -0.57
CA MET A 248 -17.83 12.37 -1.81
C MET A 248 -17.99 10.88 -1.55
N ARG A 249 -18.91 10.26 -2.26
CA ARG A 249 -19.08 8.81 -2.25
C ARG A 249 -18.57 8.27 -3.57
N ILE A 250 -17.65 7.33 -3.52
CA ILE A 250 -16.97 6.80 -4.68
C ILE A 250 -17.66 5.52 -5.11
N LYS A 251 -18.00 5.42 -6.39
CA LYS A 251 -18.67 4.24 -6.92
C LYS A 251 -18.02 3.81 -8.23
N HIS A 252 -18.26 2.55 -8.59
CA HIS A 252 -17.66 1.93 -9.77
C HIS A 252 -16.14 2.05 -9.72
N VAL A 253 -15.58 1.51 -8.67
CA VAL A 253 -14.18 1.74 -8.32
C VAL A 253 -13.29 0.76 -9.04
N ARG A 254 -12.13 1.23 -9.47
CA ARG A 254 -11.05 0.38 -9.97
C ARG A 254 -9.77 0.89 -9.35
N ALA A 255 -9.09 0.05 -8.58
CA ALA A 255 -7.86 0.43 -7.91
C ALA A 255 -6.70 -0.39 -8.44
N TRP A 256 -5.51 0.21 -8.42
CA TRP A 256 -4.32 -0.44 -8.93
C TRP A 256 -3.14 -0.17 -8.02
N VAL A 257 -2.22 -1.12 -7.96
CA VAL A 257 -0.94 -0.98 -7.26
C VAL A 257 -1.16 -0.54 -5.82
N PRO A 258 -1.57 -1.43 -4.93
CA PRO A 258 -1.76 -1.05 -3.53
C PRO A 258 -0.44 -0.59 -2.91
N ARG A 259 -0.56 0.27 -1.92
CA ARG A 259 0.58 0.92 -1.28
C ARG A 259 0.50 0.73 0.23
N PRO A 260 1.58 0.99 0.95
CA PRO A 260 1.50 1.03 2.41
C PRO A 260 0.62 2.18 2.86
N LEU A 261 -0.16 1.93 3.91
CA LEU A 261 -0.99 2.99 4.47
C LEU A 261 -0.11 4.00 5.20
N ARG A 262 -0.44 5.27 5.02
CA ARG A 262 0.36 6.34 5.61
C ARG A 262 0.48 6.16 7.12
N SER A 263 1.71 6.32 7.62
CA SER A 263 1.99 6.17 9.04
C SER A 263 2.34 7.46 9.74
N GLN A 264 2.95 8.41 9.03
CA GLN A 264 3.25 9.71 9.60
C GLN A 264 2.07 10.66 9.38
N ALA A 265 1.99 11.66 10.24
CA ALA A 265 0.91 12.63 10.12
C ALA A 265 1.13 13.51 8.89
N TYR A 266 0.05 13.80 8.19
CA TYR A 266 0.14 14.70 7.05
C TYR A 266 0.41 16.12 7.51
N MET A 267 0.96 16.93 6.61
CA MET A 267 1.27 18.31 6.94
C MET A 267 0.67 19.27 5.93
N VAL A 268 0.67 18.90 4.66
CA VAL A 268 0.18 19.75 3.59
C VAL A 268 -0.79 18.95 2.73
N LYS A 269 -1.48 19.66 1.84
CA LYS A 269 -2.55 19.02 1.09
C LYS A 269 -2.01 18.15 -0.04
N ASN A 270 -1.21 18.73 -0.93
CA ASN A 270 -0.85 18.07 -2.18
C ASN A 270 0.50 17.39 -2.13
N TYR A 271 1.15 17.31 -0.97
CA TYR A 271 2.48 16.75 -0.93
C TYR A 271 2.61 15.79 0.24
N PRO A 272 3.37 14.70 0.07
CA PRO A 272 3.80 13.93 1.23
C PRO A 272 4.91 14.69 1.94
N THR A 273 4.68 15.00 3.21
CA THR A 273 5.65 15.80 3.96
C THR A 273 5.44 15.46 5.43
N TYR A 274 6.43 14.84 6.05
CA TYR A 274 6.32 14.43 7.43
C TYR A 274 7.24 15.27 8.29
N SER A 275 6.86 15.43 9.56
CA SER A 275 7.69 16.19 10.48
C SER A 275 9.01 15.46 10.73
N GLN A 276 9.99 16.21 11.20
CA GLN A 276 11.29 15.62 11.50
C GLN A 276 11.23 14.73 12.74
N THR A 277 10.21 14.89 13.58
CA THR A 277 10.04 14.01 14.74
C THR A 277 9.22 12.82 14.29
N ILE A 278 9.92 11.80 13.78
CA ILE A 278 9.25 10.63 13.22
C ILE A 278 8.61 9.82 14.35
N THR A 279 7.33 9.53 14.20
CA THR A 279 6.62 8.70 15.16
C THR A 279 6.72 7.24 14.75
N ASN A 280 6.90 6.38 15.74
CA ASN A 280 7.01 4.95 15.47
C ASN A 280 5.68 4.38 15.03
N THR A 281 5.74 3.41 14.11
CA THR A 281 4.51 2.77 13.64
C THR A 281 3.86 1.96 14.75
N ALA A 282 4.65 1.35 15.62
CA ALA A 282 4.15 0.56 16.73
C ALA A 282 4.44 1.27 18.05
N THR A 283 3.45 1.30 18.93
CA THR A 283 3.65 1.91 20.23
C THR A 283 4.68 1.14 21.03
N ASP A 284 5.42 1.85 21.86
CA ASP A 284 6.53 1.27 22.60
C ASP A 284 6.02 0.40 23.74
N ARG A 285 6.86 -0.56 24.14
CA ARG A 285 6.62 -1.34 25.35
C ARG A 285 7.92 -1.40 26.14
N ALA A 286 7.85 -2.03 27.32
CA ALA A 286 8.97 -2.02 28.23
C ALA A 286 10.18 -2.73 27.64
N SER A 287 10.03 -3.99 27.28
CA SER A 287 11.11 -4.76 26.69
C SER A 287 10.53 -5.65 25.60
N ILE A 288 11.39 -6.45 24.98
CA ILE A 288 10.95 -7.33 23.90
C ILE A 288 10.30 -8.60 24.40
N THR A 289 10.24 -8.80 25.72
CA THR A 289 9.65 -10.01 26.29
C THR A 289 8.53 -9.71 27.27
N THR A 290 7.84 -8.59 27.12
CA THR A 290 6.73 -8.23 28.00
C THR A 290 5.47 -8.07 27.18
N THR A 291 4.39 -8.69 27.66
CA THR A 291 3.06 -8.53 27.09
C THR A 291 2.09 -8.21 28.21
N ASP A 292 1.11 -7.36 27.93
CA ASP A 292 0.12 -6.97 28.93
C ASP A 292 -1.14 -7.80 28.76
N TYR A 293 -1.05 -9.05 29.22
CA TYR A 293 -2.18 -9.97 29.24
C TYR A 293 -2.03 -10.84 30.47
N GLU A 294 -2.84 -10.56 31.50
CA GLU A 294 -2.67 -11.25 32.77
C GLU A 294 -3.07 -12.70 32.68
N GLY A 295 -4.08 -13.02 31.88
CA GLY A 295 -4.53 -14.39 31.79
C GLY A 295 -5.10 -14.87 33.11
N GLY A 296 -5.19 -16.20 33.22
CA GLY A 296 -5.73 -16.83 34.40
C GLY A 296 -4.65 -17.29 35.36
N VAL A 297 -5.09 -17.95 36.43
CA VAL A 297 -4.17 -18.47 37.43
C VAL A 297 -3.62 -19.81 36.94
N PRO A 298 -2.30 -19.99 36.93
CA PRO A 298 -1.75 -21.30 36.55
C PRO A 298 -2.16 -22.37 37.53
N ALA A 299 -2.51 -23.54 37.00
CA ALA A 299 -2.98 -24.63 37.85
C ALA A 299 -1.86 -25.14 38.74
N SER A 300 -0.69 -25.37 38.18
CA SER A 300 0.45 -25.87 38.94
C SER A 300 1.71 -25.19 38.41
N PRO A 301 2.10 -24.06 39.02
CA PRO A 301 3.30 -23.31 38.60
C PRO A 301 4.58 -24.01 39.00
N GLY B 8 9.29 -28.80 -8.81
CA GLY B 8 8.38 -28.12 -7.91
C GLY B 8 9.08 -27.10 -7.03
N TYR B 9 10.35 -26.82 -7.34
CA TYR B 9 11.15 -25.87 -6.58
C TYR B 9 11.85 -24.94 -7.57
N SER B 10 12.66 -24.04 -7.04
CA SER B 10 13.43 -23.10 -7.84
C SER B 10 14.91 -23.41 -7.73
N ASP B 11 15.61 -23.41 -8.86
CA ASP B 11 17.03 -23.70 -8.84
C ASP B 11 17.81 -22.47 -8.37
N ARG B 12 18.96 -22.73 -7.76
CA ARG B 12 19.77 -21.65 -7.23
C ARG B 12 20.58 -20.93 -8.29
N VAL B 13 20.88 -21.59 -9.40
CA VAL B 13 21.63 -20.99 -10.49
C VAL B 13 20.66 -20.39 -11.49
N ALA B 14 21.10 -19.33 -12.16
CA ALA B 14 20.25 -18.67 -13.14
C ALA B 14 21.13 -17.86 -14.09
N GLN B 15 20.63 -17.65 -15.30
CA GLN B 15 21.32 -16.84 -16.28
C GLN B 15 20.30 -16.00 -17.03
N LEU B 16 20.51 -14.69 -17.04
CA LEU B 16 19.62 -13.74 -17.69
C LEU B 16 20.32 -13.18 -18.91
N THR B 17 19.79 -13.48 -20.09
CA THR B 17 20.37 -13.03 -21.34
C THR B 17 19.37 -12.15 -22.07
N VAL B 18 19.71 -10.87 -22.24
CA VAL B 18 18.91 -9.97 -23.04
C VAL B 18 19.85 -9.02 -23.77
N GLY B 19 19.64 -8.86 -25.07
CA GLY B 19 20.56 -8.05 -25.85
C GLY B 19 21.88 -8.76 -26.03
N ASN B 20 22.97 -8.00 -25.95
CA ASN B 20 24.31 -8.56 -25.99
C ASN B 20 24.89 -8.75 -24.60
N SER B 21 24.07 -8.67 -23.56
CA SER B 21 24.52 -8.82 -22.19
C SER B 21 23.99 -10.12 -21.60
N THR B 22 24.75 -10.69 -20.69
CA THR B 22 24.38 -11.92 -20.02
C THR B 22 24.82 -11.83 -18.57
N ILE B 23 23.91 -12.14 -17.65
CA ILE B 23 24.19 -12.12 -16.23
C ILE B 23 24.01 -13.51 -15.68
N THR B 24 25.04 -14.04 -15.04
CA THR B 24 24.98 -15.34 -14.40
C THR B 24 25.01 -15.16 -12.90
N THR B 25 24.30 -16.03 -12.19
CA THR B 25 24.33 -16.07 -10.74
C THR B 25 24.23 -17.51 -10.29
N GLN B 26 24.92 -17.83 -9.20
CA GLN B 26 24.92 -19.19 -8.69
C GLN B 26 24.25 -19.32 -7.34
N GLU B 27 23.93 -18.22 -6.68
CA GLU B 27 23.14 -18.25 -5.44
C GLU B 27 22.01 -17.26 -5.63
N ALA B 28 20.93 -17.70 -6.27
CA ALA B 28 19.78 -16.86 -6.57
C ALA B 28 18.56 -17.44 -5.89
N ALA B 29 17.73 -16.57 -5.34
CA ALA B 29 16.50 -17.03 -4.69
C ALA B 29 15.46 -17.41 -5.74
N ASN B 30 15.03 -16.46 -6.53
CA ASN B 30 14.05 -16.66 -7.57
C ASN B 30 14.07 -15.42 -8.44
N ILE B 31 13.09 -15.31 -9.34
CA ILE B 31 12.93 -14.11 -10.15
C ILE B 31 11.52 -13.60 -9.93
N VAL B 32 11.40 -12.37 -9.44
CA VAL B 32 10.10 -11.80 -9.13
C VAL B 32 9.51 -11.21 -10.41
N LEU B 33 8.32 -11.69 -10.78
CA LEU B 33 7.56 -11.15 -11.90
C LEU B 33 6.48 -10.26 -11.31
N SER B 34 6.74 -8.95 -11.31
CA SER B 34 5.87 -8.02 -10.60
C SER B 34 4.44 -8.09 -11.09
N TYR B 35 3.52 -8.35 -10.16
CA TYR B 35 2.10 -8.44 -10.42
C TYR B 35 1.77 -9.47 -11.48
N GLY B 36 2.65 -10.45 -11.67
CA GLY B 36 2.38 -11.56 -12.56
C GLY B 36 2.18 -11.20 -14.01
N GLU B 37 2.62 -10.02 -14.43
CA GLU B 37 2.47 -9.58 -15.81
C GLU B 37 3.83 -9.35 -16.42
N TRP B 38 4.04 -9.88 -17.62
CA TRP B 38 5.27 -9.67 -18.34
C TRP B 38 5.27 -8.31 -19.03
N PRO B 39 6.43 -7.71 -19.27
CA PRO B 39 6.48 -6.50 -20.08
C PRO B 39 6.00 -6.77 -21.49
N GLU B 40 5.21 -5.85 -22.02
CA GLU B 40 4.63 -6.01 -23.34
C GLU B 40 4.61 -4.68 -24.07
N TYR B 41 4.57 -4.74 -25.39
CA TYR B 41 4.40 -3.54 -26.19
C TYR B 41 2.97 -3.04 -26.05
N CYS B 42 2.79 -1.76 -26.32
CA CYS B 42 1.46 -1.16 -26.19
C CYS B 42 0.52 -1.74 -27.25
N PRO B 43 -0.57 -2.36 -26.86
CA PRO B 43 -1.52 -2.88 -27.85
C PRO B 43 -2.22 -1.73 -28.56
N SER B 44 -2.59 -1.99 -29.81
CA SER B 44 -3.28 -0.96 -30.59
C SER B 44 -4.62 -0.58 -29.97
N THR B 45 -5.15 -1.41 -29.08
CA THR B 45 -6.40 -1.09 -28.41
C THR B 45 -6.21 -0.04 -27.32
N ASP B 46 -5.01 0.04 -26.75
CA ASP B 46 -4.74 0.97 -25.66
C ASP B 46 -3.90 2.17 -26.09
N ALA B 47 -3.36 2.17 -27.29
CA ALA B 47 -2.51 3.27 -27.72
C ALA B 47 -3.35 4.51 -28.01
N THR B 48 -2.70 5.66 -27.93
CA THR B 48 -3.38 6.91 -28.26
C THR B 48 -2.63 7.74 -29.30
N ALA B 49 -1.30 7.75 -29.27
CA ALA B 49 -0.56 8.51 -30.25
C ALA B 49 -0.57 7.79 -31.59
N VAL B 50 -0.68 8.56 -32.68
CA VAL B 50 -0.82 7.96 -34.00
C VAL B 50 0.52 7.79 -34.71
N ASP B 51 1.59 8.40 -34.22
CA ASP B 51 2.89 8.22 -34.84
C ASP B 51 3.38 6.79 -34.64
N LYS B 52 4.03 6.25 -35.65
CA LYS B 52 4.57 4.90 -35.55
C LYS B 52 5.69 4.89 -34.53
N PRO B 53 5.64 4.05 -33.51
CA PRO B 53 6.71 4.01 -32.53
C PRO B 53 7.94 3.33 -33.09
N THR B 54 9.09 3.68 -32.53
CA THR B 54 10.33 3.00 -32.84
C THR B 54 10.62 1.98 -31.75
N ARG B 55 11.12 0.82 -32.15
CA ARG B 55 11.43 -0.27 -31.23
C ARG B 55 12.85 -0.72 -31.50
N PRO B 56 13.83 -0.03 -30.94
CA PRO B 56 15.22 -0.44 -31.12
C PRO B 56 15.52 -1.68 -30.30
N ASP B 57 15.27 -2.85 -30.86
CA ASP B 57 15.15 -4.08 -30.09
C ASP B 57 16.37 -4.36 -29.21
N VAL B 58 17.53 -4.62 -29.81
CA VAL B 58 18.68 -5.07 -29.03
C VAL B 58 19.63 -3.96 -28.65
N SER B 59 19.50 -2.78 -29.24
CA SER B 59 20.43 -1.70 -28.90
C SER B 59 20.10 -1.06 -27.56
N VAL B 60 18.84 -1.10 -27.14
CA VAL B 60 18.44 -0.50 -25.88
C VAL B 60 17.99 -1.53 -24.85
N ASN B 61 17.34 -2.62 -25.28
CA ASN B 61 16.91 -3.66 -24.34
C ASN B 61 18.12 -4.53 -24.03
N ARG B 62 18.90 -4.10 -23.03
CA ARG B 62 20.11 -4.78 -22.67
C ARG B 62 20.48 -4.37 -21.26
N PHE B 63 21.35 -5.15 -20.62
CA PHE B 63 21.70 -4.90 -19.23
C PHE B 63 22.70 -3.76 -19.13
N TYR B 64 22.41 -2.82 -18.24
CA TYR B 64 23.29 -1.68 -17.96
C TYR B 64 23.72 -1.76 -16.50
N THR B 65 25.01 -1.97 -16.27
CA THR B 65 25.54 -1.87 -14.93
C THR B 65 25.83 -0.40 -14.63
N LEU B 66 25.09 0.16 -13.68
CA LEU B 66 25.02 1.60 -13.52
C LEU B 66 25.81 2.12 -12.33
N SER B 67 25.56 1.63 -11.13
CA SER B 67 26.20 2.20 -9.96
C SER B 67 26.54 1.10 -8.96
N THR B 68 27.61 1.33 -8.22
CA THR B 68 28.06 0.41 -7.18
C THR B 68 28.23 1.21 -5.89
N LYS B 69 27.41 0.89 -4.90
CA LYS B 69 27.49 1.52 -3.59
C LYS B 69 28.11 0.54 -2.61
N SER B 70 28.90 1.07 -1.67
CA SER B 70 29.58 0.23 -0.69
C SER B 70 28.71 0.09 0.54
N TRP B 71 28.34 -1.15 0.86
CA TRP B 71 27.53 -1.44 2.03
C TRP B 71 28.38 -1.32 3.28
N LYS B 72 27.97 -0.45 4.19
CA LYS B 72 28.66 -0.26 5.45
C LYS B 72 27.73 -0.62 6.60
N THR B 73 28.30 -0.76 7.79
CA THR B 73 27.51 -1.21 8.93
C THR B 73 26.47 -0.19 9.35
N GLU B 74 26.70 1.09 9.07
CA GLU B 74 25.75 2.15 9.41
C GLU B 74 25.03 2.70 8.18
N SER B 75 25.01 1.96 7.08
CA SER B 75 24.35 2.42 5.87
C SER B 75 22.84 2.46 6.09
N THR B 76 22.19 3.45 5.48
CA THR B 76 20.75 3.58 5.54
C THR B 76 20.04 2.98 4.34
N GLY B 77 20.68 2.98 3.18
CA GLY B 77 20.07 2.50 1.96
C GLY B 77 20.11 3.56 0.88
N TRP B 78 19.75 3.13 -0.32
CA TRP B 78 19.80 3.98 -1.49
C TRP B 78 18.56 3.73 -2.34
N TYR B 79 18.24 4.69 -3.21
CA TYR B 79 17.13 4.53 -4.12
C TYR B 79 17.47 5.16 -5.47
N TRP B 80 16.91 4.58 -6.52
CA TRP B 80 17.02 5.11 -7.87
C TRP B 80 15.62 5.25 -8.45
N LYS B 81 15.52 6.02 -9.53
CA LYS B 81 14.29 6.14 -10.30
C LYS B 81 14.54 5.57 -11.69
N PHE B 82 13.70 4.63 -12.12
CA PHE B 82 14.09 3.79 -13.26
C PHE B 82 14.30 4.56 -14.54
N PRO B 83 13.35 5.34 -15.06
CA PRO B 83 13.65 6.05 -16.31
C PRO B 83 14.76 7.06 -16.13
N ASP B 84 14.86 7.67 -14.96
CA ASP B 84 15.88 8.70 -14.75
C ASP B 84 17.29 8.13 -14.70
N VAL B 85 17.44 6.89 -14.25
CA VAL B 85 18.79 6.35 -14.08
C VAL B 85 19.42 5.97 -15.40
N LEU B 86 18.63 5.83 -16.47
CA LEU B 86 19.16 5.42 -17.77
C LEU B 86 19.05 6.52 -18.82
N ASN B 87 18.72 7.75 -18.43
CA ASN B 87 18.45 8.78 -19.42
C ASN B 87 19.71 9.31 -20.08
N ASP B 88 20.90 8.98 -19.56
CA ASP B 88 22.13 9.54 -20.09
C ASP B 88 23.16 8.46 -20.42
N THR B 89 22.70 7.25 -20.73
CA THR B 89 23.60 6.13 -20.98
C THR B 89 23.16 5.39 -22.22
N GLY B 90 24.10 5.14 -23.12
CA GLY B 90 23.87 4.23 -24.22
C GLY B 90 22.83 4.72 -25.21
N VAL B 91 22.39 3.79 -26.05
CA VAL B 91 21.40 4.11 -27.06
C VAL B 91 20.04 4.37 -26.43
N PHE B 92 19.78 3.79 -25.25
CA PHE B 92 18.53 4.08 -24.56
C PHE B 92 18.44 5.54 -24.17
N GLY B 93 19.51 6.10 -23.61
CA GLY B 93 19.48 7.49 -23.23
C GLY B 93 19.21 8.41 -24.39
N GLN B 94 19.80 8.10 -25.55
CA GLN B 94 19.58 8.93 -26.73
C GLN B 94 18.12 8.90 -27.17
N ASN B 95 17.55 7.71 -27.26
CA ASN B 95 16.15 7.60 -27.67
C ASN B 95 15.23 8.27 -26.65
N ALA B 96 15.59 8.25 -25.37
CA ALA B 96 14.78 8.95 -24.38
C ALA B 96 14.92 10.45 -24.52
N GLN B 97 16.05 10.93 -25.03
CA GLN B 97 16.23 12.36 -25.21
C GLN B 97 15.66 12.86 -26.53
N PHE B 98 15.66 12.01 -27.56
CA PHE B 98 15.18 12.43 -28.87
C PHE B 98 13.68 12.29 -29.03
N HIS B 99 13.02 11.49 -28.21
CA HIS B 99 11.61 11.22 -28.34
C HIS B 99 10.85 11.81 -27.16
N TYR B 100 9.65 12.32 -27.43
CA TYR B 100 8.81 12.85 -26.38
C TYR B 100 8.19 11.72 -25.56
N LEU B 101 7.64 10.71 -26.22
CA LEU B 101 6.95 9.62 -25.56
C LEU B 101 7.85 8.41 -25.40
N TYR B 102 7.62 7.68 -24.31
CA TYR B 102 8.42 6.47 -24.04
C TYR B 102 7.66 5.54 -23.15
N ARG B 103 7.84 4.24 -23.34
CA ARG B 103 7.31 3.24 -22.43
C ARG B 103 8.20 2.01 -22.48
N SER B 104 8.33 1.33 -21.34
CA SER B 104 9.16 0.15 -21.25
C SER B 104 8.96 -0.49 -19.90
N GLY B 105 9.17 -1.80 -19.84
CA GLY B 105 9.40 -2.50 -18.59
C GLY B 105 10.88 -2.51 -18.28
N PHE B 106 11.22 -3.29 -17.26
CA PHE B 106 12.65 -3.49 -16.96
C PHE B 106 12.81 -4.78 -16.18
N CYS B 107 14.06 -5.21 -16.09
CA CYS B 107 14.46 -6.33 -15.24
C CYS B 107 15.60 -5.83 -14.37
N MET B 108 15.28 -5.42 -13.16
CA MET B 108 16.27 -4.92 -12.22
C MET B 108 17.00 -6.08 -11.56
N HIS B 109 18.32 -5.97 -11.46
CA HIS B 109 19.14 -7.03 -10.89
C HIS B 109 20.16 -6.38 -9.95
N VAL B 110 20.00 -6.61 -8.65
CA VAL B 110 20.90 -6.07 -7.65
C VAL B 110 21.83 -7.18 -7.18
N GLN B 111 23.13 -6.88 -7.21
CA GLN B 111 24.15 -7.91 -6.87
C GLN B 111 24.91 -7.51 -5.61
N CYS B 112 24.98 -8.41 -4.64
CA CYS B 112 25.74 -8.18 -3.41
C CYS B 112 26.20 -9.53 -2.89
N ASN B 113 27.49 -9.82 -3.02
CA ASN B 113 28.06 -11.06 -2.52
C ASN B 113 28.97 -10.78 -1.34
N ALA B 114 29.00 -11.72 -0.41
CA ALA B 114 29.89 -11.66 0.74
C ALA B 114 30.22 -13.08 1.16
N SER B 115 31.23 -13.21 2.01
CA SER B 115 31.67 -14.53 2.45
C SER B 115 30.58 -15.21 3.28
N LYS B 116 30.80 -16.48 3.55
CA LYS B 116 29.91 -17.19 4.47
C LYS B 116 30.09 -16.75 5.92
N PHE B 117 30.99 -15.81 6.19
CA PHE B 117 31.21 -15.31 7.52
C PHE B 117 30.67 -13.90 7.72
N HIS B 118 30.09 -13.29 6.69
CA HIS B 118 29.38 -12.04 6.85
C HIS B 118 27.91 -12.31 7.11
N GLN B 119 27.19 -11.27 7.47
CA GLN B 119 25.75 -11.40 7.68
C GLN B 119 25.09 -10.04 7.44
N GLY B 120 23.81 -10.10 7.16
CA GLY B 120 23.03 -8.91 6.84
C GLY B 120 22.03 -9.24 5.75
N ALA B 121 20.99 -8.42 5.67
CA ALA B 121 19.93 -8.63 4.69
C ALA B 121 19.49 -7.30 4.12
N LEU B 122 19.40 -7.22 2.80
CA LEU B 122 18.88 -6.06 2.11
C LEU B 122 17.44 -6.29 1.71
N LEU B 123 16.69 -5.22 1.59
CA LEU B 123 15.34 -5.25 1.04
C LEU B 123 15.37 -4.54 -0.29
N VAL B 124 15.23 -5.29 -1.38
CA VAL B 124 15.23 -4.74 -2.73
C VAL B 124 13.78 -4.73 -3.20
N ALA B 125 13.23 -3.53 -3.36
CA ALA B 125 11.84 -3.38 -3.78
C ALA B 125 11.77 -2.40 -4.95
N ALA B 126 10.79 -2.62 -5.82
CA ALA B 126 10.51 -1.75 -6.95
C ALA B 126 9.19 -1.04 -6.69
N ILE B 127 9.26 0.25 -6.37
CA ILE B 127 8.10 1.01 -5.90
C ILE B 127 7.56 1.83 -7.06
N PRO B 128 6.36 1.54 -7.56
CA PRO B 128 5.80 2.39 -8.62
C PRO B 128 5.31 3.72 -8.06
N GLU B 129 5.60 4.79 -8.78
CA GLU B 129 5.27 6.15 -8.37
C GLU B 129 5.82 6.43 -6.98
N PHE B 130 7.13 6.33 -6.86
CA PHE B 130 7.82 6.54 -5.59
C PHE B 130 8.04 8.03 -5.41
N VAL B 131 6.99 8.70 -4.93
CA VAL B 131 7.05 10.14 -4.70
C VAL B 131 7.87 10.38 -3.44
N ILE B 132 8.96 11.15 -3.57
CA ILE B 132 9.85 11.41 -2.46
C ILE B 132 9.30 12.56 -1.63
N ALA B 133 9.28 12.38 -0.31
CA ALA B 133 8.83 13.39 0.62
C ALA B 133 10.01 14.16 1.19
N ALA B 134 9.74 15.37 1.63
CA ALA B 134 10.69 16.18 2.37
C ALA B 134 10.28 16.21 3.83
N SER B 135 11.26 16.16 4.73
CA SER B 135 10.98 16.23 6.16
C SER B 135 11.14 17.68 6.60
N SER B 136 10.02 18.30 6.94
CA SER B 136 10.08 19.70 7.33
C SER B 136 10.25 19.83 8.84
N PRO B 137 11.03 20.81 9.29
CA PRO B 137 11.23 21.00 10.74
C PRO B 137 10.05 21.75 11.36
N ALA B 138 8.86 21.20 11.15
CA ALA B 138 7.61 21.75 11.71
C ALA B 138 7.37 23.18 11.28
N THR B 139 7.87 23.57 10.10
CA THR B 139 7.70 24.92 9.63
C THR B 139 6.41 25.04 8.81
N LYS B 140 5.59 26.01 9.17
CA LYS B 140 4.32 26.28 8.51
C LYS B 140 4.46 27.06 7.19
N PRO B 141 5.15 28.22 7.18
CA PRO B 141 4.95 29.15 6.04
C PRO B 141 5.55 28.71 4.72
N ASN B 142 5.22 27.48 4.29
CA ASN B 142 5.54 26.98 2.96
C ASN B 142 6.97 27.29 2.52
N SER B 143 7.93 27.10 3.43
CA SER B 143 9.31 27.41 3.13
C SER B 143 9.86 26.47 2.05
N GLN B 144 11.05 26.79 1.58
CA GLN B 144 11.73 25.92 0.62
C GLN B 144 11.90 24.51 1.14
N GLY B 145 12.06 24.37 2.45
CA GLY B 145 12.24 23.06 3.06
C GLY B 145 10.95 22.26 3.14
N LEU B 146 9.95 22.65 2.37
CA LEU B 146 8.71 21.91 2.28
C LEU B 146 8.66 20.96 1.10
N TYR B 147 9.58 21.08 0.15
CA TYR B 147 9.61 20.25 -1.03
C TYR B 147 11.04 19.84 -1.34
N PRO B 148 11.26 18.59 -1.73
CA PRO B 148 12.63 18.13 -2.00
C PRO B 148 13.15 18.71 -3.31
N ASP B 149 14.46 18.95 -3.33
CA ASP B 149 15.09 19.49 -4.52
C ASP B 149 15.15 18.44 -5.61
N PHE B 150 15.59 18.86 -6.80
CA PHE B 150 15.63 17.95 -7.94
C PHE B 150 16.65 16.84 -7.75
N ALA B 151 17.70 17.09 -6.97
CA ALA B 151 18.72 16.07 -6.76
C ALA B 151 18.17 14.88 -5.98
N HIS B 152 17.14 15.09 -5.18
CA HIS B 152 16.55 14.01 -4.40
C HIS B 152 15.41 13.31 -5.11
N THR B 153 14.76 13.97 -6.08
CA THR B 153 13.67 13.33 -6.79
C THR B 153 14.19 12.54 -7.99
N ASN B 154 15.18 13.08 -8.70
CA ASN B 154 15.79 12.41 -9.85
C ASN B 154 17.28 12.31 -9.58
N PRO B 155 17.72 11.27 -8.86
CA PRO B 155 19.13 11.18 -8.47
C PRO B 155 20.08 10.87 -9.61
N GLY B 156 19.57 10.49 -10.77
CA GLY B 156 20.45 10.14 -11.87
C GLY B 156 20.91 8.70 -11.75
N LYS B 157 22.15 8.45 -12.20
CA LYS B 157 22.70 7.12 -12.14
C LYS B 157 23.46 6.84 -10.84
N ASP B 158 23.80 7.88 -10.08
CA ASP B 158 24.50 7.65 -8.81
C ASP B 158 23.56 7.25 -7.69
N GLY B 159 22.26 7.46 -7.86
CA GLY B 159 21.32 7.17 -6.81
C GLY B 159 21.44 8.16 -5.67
N GLN B 160 20.53 8.02 -4.72
CA GLN B 160 20.49 8.89 -3.56
C GLN B 160 20.31 8.03 -2.32
N GLU B 161 21.11 8.29 -1.30
CA GLU B 161 21.01 7.50 -0.08
C GLU B 161 19.88 8.02 0.80
N PHE B 162 19.18 7.09 1.44
CA PHE B 162 18.01 7.45 2.23
C PHE B 162 18.39 8.33 3.40
N ARG B 163 17.52 9.28 3.71
CA ARG B 163 17.64 10.08 4.93
C ARG B 163 16.97 9.40 6.11
N ASP B 164 15.73 8.96 5.92
CA ASP B 164 14.98 8.22 6.94
C ASP B 164 14.44 6.95 6.30
N PRO B 165 15.23 5.89 6.25
CA PRO B 165 14.75 4.65 5.63
C PRO B 165 13.57 4.05 6.34
N TYR B 166 13.35 4.38 7.60
CA TYR B 166 12.24 3.80 8.34
C TYR B 166 10.90 4.19 7.76
N VAL B 167 10.81 5.36 7.16
CA VAL B 167 9.59 5.83 6.53
C VAL B 167 9.75 5.94 5.01
N LEU B 168 10.76 5.27 4.45
CA LEU B 168 11.03 5.25 3.02
C LEU B 168 11.20 6.64 2.44
N ASP B 169 11.50 7.63 3.28
CA ASP B 169 11.55 9.02 2.86
C ASP B 169 10.25 9.46 2.20
N ALA B 170 9.15 8.80 2.55
CA ALA B 170 7.87 9.13 1.95
C ALA B 170 6.73 9.13 2.95
N GLY B 171 7.01 8.98 4.24
CA GLY B 171 5.97 8.96 5.24
C GLY B 171 5.21 7.66 5.35
N ILE B 172 5.55 6.66 4.55
CA ILE B 172 4.90 5.35 4.62
C ILE B 172 5.83 4.40 5.34
N PRO B 173 5.32 3.48 6.16
CA PRO B 173 6.21 2.63 6.95
C PRO B 173 6.98 1.65 6.07
N LEU B 174 8.26 1.48 6.39
CA LEU B 174 9.09 0.55 5.65
C LEU B 174 8.60 -0.88 5.80
N SER B 175 8.03 -1.21 6.96
CA SER B 175 7.61 -2.58 7.22
C SER B 175 6.59 -3.07 6.21
N GLN B 176 5.80 -2.16 5.64
CA GLN B 176 4.80 -2.53 4.66
C GLN B 176 5.29 -2.39 3.24
N ALA B 177 6.55 -2.04 3.02
CA ALA B 177 7.08 -1.95 1.67
C ALA B 177 7.06 -3.29 0.96
N LEU B 178 6.85 -4.38 1.68
CA LEU B 178 6.74 -5.69 1.06
C LEU B 178 5.45 -5.85 0.28
N ILE B 179 4.54 -4.88 0.34
CA ILE B 179 3.37 -4.91 -0.52
C ILE B 179 3.76 -4.63 -1.96
N PHE B 180 4.92 -4.07 -2.18
CA PHE B 180 5.47 -3.83 -3.50
C PHE B 180 6.25 -5.05 -3.98
N PRO B 181 6.45 -5.19 -5.27
CA PRO B 181 7.32 -6.27 -5.76
C PRO B 181 8.71 -6.15 -5.17
N HIS B 182 9.11 -7.12 -4.36
CA HIS B 182 10.33 -6.99 -3.58
C HIS B 182 11.10 -8.30 -3.62
N GLN B 183 12.31 -8.26 -3.06
CA GLN B 183 13.11 -9.45 -2.85
C GLN B 183 14.19 -9.10 -1.84
N TRP B 184 14.56 -10.09 -1.03
CA TRP B 184 15.60 -9.92 -0.05
C TRP B 184 16.93 -10.42 -0.58
N ILE B 185 18.00 -9.78 -0.15
CA ILE B 185 19.33 -10.35 -0.33
C ILE B 185 19.86 -10.71 1.03
N ASN B 186 19.63 -11.95 1.44
CA ASN B 186 20.14 -12.45 2.72
C ASN B 186 21.49 -13.10 2.47
N LEU B 187 22.53 -12.55 3.08
CA LEU B 187 23.90 -12.94 2.74
C LEU B 187 24.15 -14.43 2.99
N ARG B 188 23.42 -15.03 3.92
CA ARG B 188 23.57 -16.46 4.15
C ARG B 188 22.84 -17.30 3.14
N THR B 189 21.97 -16.70 2.33
CA THR B 189 21.11 -17.46 1.42
C THR B 189 21.41 -17.17 -0.04
N ASN B 190 21.39 -15.90 -0.44
CA ASN B 190 21.58 -15.55 -1.84
C ASN B 190 22.41 -14.29 -1.93
N ASN B 191 22.89 -14.01 -3.14
CA ASN B 191 23.73 -12.84 -3.39
C ASN B 191 23.18 -11.94 -4.49
N CYS B 192 21.92 -12.11 -4.88
CA CYS B 192 21.35 -11.30 -5.93
C CYS B 192 19.84 -11.20 -5.74
N ALA B 193 19.23 -10.24 -6.42
CA ALA B 193 17.79 -10.04 -6.39
C ALA B 193 17.34 -9.61 -7.76
N THR B 194 16.38 -10.32 -8.33
CA THR B 194 15.91 -10.06 -9.69
C THR B 194 14.43 -9.71 -9.65
N ILE B 195 14.07 -8.60 -10.28
CA ILE B 195 12.68 -8.15 -10.35
C ILE B 195 12.39 -7.72 -11.78
N ILE B 196 11.46 -8.43 -12.43
CA ILE B 196 10.98 -8.05 -13.75
C ILE B 196 9.73 -7.22 -13.56
N MET B 197 9.73 -6.00 -14.07
CA MET B 197 8.64 -5.08 -13.84
C MET B 197 8.04 -4.63 -15.17
N PRO B 198 6.73 -4.81 -15.36
CA PRO B 198 6.09 -4.30 -16.58
C PRO B 198 5.86 -2.81 -16.48
N TYR B 199 5.55 -2.19 -17.62
CA TYR B 199 5.28 -0.77 -17.65
C TYR B 199 3.97 -0.48 -16.93
N ILE B 200 4.05 0.23 -15.82
CA ILE B 200 2.88 0.57 -15.01
C ILE B 200 2.72 2.08 -15.04
N ASN B 201 1.61 2.55 -15.61
CA ASN B 201 1.32 3.96 -15.69
C ASN B 201 -0.12 4.13 -16.13
N ALA B 202 -0.72 5.24 -15.74
CA ALA B 202 -2.09 5.52 -16.15
C ALA B 202 -2.19 5.94 -17.61
N LEU B 203 -1.07 6.03 -18.32
CA LEU B 203 -1.02 6.41 -19.72
C LEU B 203 -0.28 5.34 -20.50
N PRO B 204 -0.62 5.16 -21.77
CA PRO B 204 0.14 4.17 -22.57
C PRO B 204 1.59 4.57 -22.75
N PHE B 205 1.86 5.82 -23.10
CA PHE B 205 3.20 6.36 -23.20
C PHE B 205 3.33 7.53 -22.24
N ASP B 206 4.57 7.94 -21.99
CA ASP B 206 4.81 9.09 -21.14
C ASP B 206 6.23 9.56 -21.38
N SER B 207 6.54 10.75 -20.87
CA SER B 207 7.86 11.33 -21.04
C SER B 207 8.84 10.64 -20.10
N ALA B 208 9.96 10.17 -20.67
CA ALA B 208 10.99 9.56 -19.86
C ALA B 208 11.79 10.58 -19.06
N LEU B 209 11.58 11.87 -19.28
CA LEU B 209 12.34 12.90 -18.60
C LEU B 209 11.61 13.45 -17.38
N ASN B 210 10.33 13.76 -17.53
CA ASN B 210 9.58 14.34 -16.41
C ASN B 210 9.14 13.28 -15.43
N HIS B 211 8.50 12.23 -15.92
CA HIS B 211 7.86 11.24 -15.07
C HIS B 211 8.78 10.05 -14.85
N SER B 212 8.92 9.64 -13.60
CA SER B 212 9.64 8.43 -13.24
C SER B 212 8.64 7.37 -12.82
N ASN B 213 8.57 6.28 -13.56
CA ASN B 213 7.51 5.30 -13.33
C ASN B 213 7.74 4.51 -12.05
N PHE B 214 8.99 4.16 -11.77
CA PHE B 214 9.30 3.28 -10.65
C PHE B 214 10.45 3.83 -9.85
N GLY B 215 10.39 3.62 -8.54
CA GLY B 215 11.52 3.82 -7.66
C GLY B 215 12.09 2.47 -7.26
N LEU B 216 13.41 2.39 -7.25
CA LEU B 216 14.12 1.15 -6.99
C LEU B 216 14.95 1.34 -5.71
N VAL B 217 14.48 0.78 -4.61
CA VAL B 217 15.11 1.01 -3.32
C VAL B 217 15.89 -0.23 -2.90
N VAL B 218 17.00 0.00 -2.21
CA VAL B 218 17.81 -1.05 -1.62
C VAL B 218 18.15 -0.64 -0.20
N ILE B 219 17.49 -1.25 0.78
CA ILE B 219 17.54 -0.81 2.16
C ILE B 219 18.07 -1.95 3.02
N PRO B 220 19.13 -1.74 3.79
CA PRO B 220 19.62 -2.78 4.70
C PRO B 220 18.77 -2.87 5.95
N ILE B 221 17.97 -3.93 6.04
CA ILE B 221 17.16 -4.14 7.24
C ILE B 221 18.03 -4.65 8.38
N SER B 222 18.67 -5.79 8.16
CA SER B 222 19.62 -6.33 9.13
C SER B 222 21.00 -5.80 8.79
N PRO B 223 21.64 -5.03 9.66
CA PRO B 223 22.89 -4.37 9.29
C PRO B 223 23.99 -5.37 8.97
N LEU B 224 24.94 -4.93 8.16
CA LEU B 224 26.08 -5.75 7.79
C LEU B 224 27.01 -5.91 8.98
N LYS B 225 27.29 -7.15 9.36
CA LYS B 225 28.17 -7.43 10.49
C LYS B 225 29.17 -8.51 10.10
N TYR B 226 30.40 -8.36 10.56
CA TYR B 226 31.46 -9.32 10.32
C TYR B 226 32.51 -9.14 11.40
N CYS B 227 33.47 -10.06 11.44
CA CYS B 227 34.54 -10.01 12.41
C CYS B 227 35.84 -9.52 11.77
N ASN B 228 36.78 -9.12 12.62
CA ASN B 228 38.04 -8.58 12.14
C ASN B 228 38.78 -9.62 11.31
N GLY B 229 39.23 -9.21 10.13
CA GLY B 229 39.93 -10.07 9.21
C GLY B 229 39.18 -10.30 7.91
N ALA B 230 37.86 -10.16 7.93
CA ALA B 230 37.07 -10.31 6.73
C ALA B 230 37.18 -9.08 5.84
N THR B 231 36.81 -9.25 4.58
CA THR B 231 36.82 -8.14 3.64
C THR B 231 35.80 -7.09 4.07
N THR B 232 36.26 -5.86 4.25
CA THR B 232 35.37 -4.81 4.75
C THR B 232 34.54 -4.21 3.62
N GLU B 233 35.15 -3.95 2.48
CA GLU B 233 34.43 -3.35 1.35
C GLU B 233 33.50 -4.38 0.74
N VAL B 234 32.21 -4.27 1.04
CA VAL B 234 31.19 -5.14 0.46
C VAL B 234 30.30 -4.30 -0.43
N PRO B 235 30.49 -4.36 -1.74
CA PRO B 235 29.75 -3.47 -2.64
C PRO B 235 28.35 -3.99 -2.93
N ILE B 236 27.53 -3.09 -3.47
CA ILE B 236 26.19 -3.40 -3.95
C ILE B 236 26.07 -2.80 -5.35
N THR B 237 25.90 -3.65 -6.35
CA THR B 237 25.88 -3.23 -7.73
C THR B 237 24.46 -3.34 -8.28
N LEU B 238 24.02 -2.31 -8.99
CA LEU B 238 22.69 -2.27 -9.58
C LEU B 238 22.82 -2.39 -11.09
N THR B 239 22.28 -3.48 -11.63
CA THR B 239 22.24 -3.69 -13.07
C THR B 239 20.79 -3.81 -13.51
N ILE B 240 20.40 -3.02 -14.51
CA ILE B 240 19.03 -3.02 -14.99
C ILE B 240 19.04 -3.16 -16.51
N ALA B 241 17.88 -3.51 -17.05
CA ALA B 241 17.71 -3.68 -18.48
C ALA B 241 16.29 -3.36 -18.89
N PRO B 242 16.08 -2.37 -19.76
CA PRO B 242 14.74 -2.12 -20.26
C PRO B 242 14.24 -3.29 -21.08
N LEU B 243 12.93 -3.49 -21.07
CA LEU B 243 12.31 -4.57 -21.82
C LEU B 243 11.14 -4.02 -22.61
N ASN B 244 11.10 -4.34 -23.91
CA ASN B 244 10.02 -3.91 -24.79
C ASN B 244 9.85 -2.40 -24.76
N SER B 245 10.95 -1.68 -24.97
CA SER B 245 10.94 -0.23 -24.91
C SER B 245 10.57 0.35 -26.26
N GLU B 246 9.60 1.26 -26.26
CA GLU B 246 9.18 1.96 -27.46
C GLU B 246 9.35 3.46 -27.25
N PHE B 247 9.46 4.18 -28.36
CA PHE B 247 9.56 5.63 -28.32
C PHE B 247 8.77 6.21 -29.47
N SER B 248 8.16 7.36 -29.24
CA SER B 248 7.37 8.04 -30.26
C SER B 248 7.50 9.53 -30.06
N GLY B 249 7.19 10.28 -31.11
CA GLY B 249 7.26 11.73 -31.05
C GLY B 249 8.68 12.24 -31.17
N LEU B 250 9.30 12.00 -32.32
CA LEU B 250 10.68 12.39 -32.52
C LEU B 250 10.81 13.89 -32.70
N ARG B 251 11.83 14.47 -32.09
CA ARG B 251 12.15 15.89 -32.26
C ARG B 251 13.59 16.09 -31.80
N GLN B 252 13.99 17.34 -31.66
CA GLN B 252 15.33 17.66 -31.21
C GLN B 252 15.61 17.02 -29.86
N ALA B 253 16.85 16.58 -29.65
CA ALA B 253 17.21 15.94 -28.40
C ALA B 253 17.12 16.93 -27.25
N ILE B 254 16.37 16.56 -26.21
CA ILE B 254 16.15 17.39 -25.04
C ILE B 254 16.79 16.70 -23.84
N LYS B 255 17.64 17.44 -23.14
CA LYS B 255 18.41 16.85 -22.04
C LYS B 255 17.55 16.67 -20.80
N GLN B 256 16.86 17.71 -20.38
CA GLN B 256 16.01 17.63 -19.20
C GLN B 256 14.88 18.65 -19.28
N GLY C 1 -52.20 13.03 -9.12
CA GLY C 1 -51.12 12.11 -9.42
C GLY C 1 -51.25 10.80 -8.67
N PHE C 2 -50.18 10.01 -8.69
CA PHE C 2 -50.18 8.73 -8.01
C PHE C 2 -50.15 8.95 -6.50
N PRO C 3 -51.11 8.40 -5.74
CA PRO C 3 -51.14 8.63 -4.30
C PRO C 3 -49.99 7.92 -3.59
N THR C 4 -49.18 8.69 -2.87
CA THR C 4 -48.07 8.15 -2.11
C THR C 4 -48.10 8.73 -0.70
N GLU C 5 -47.35 8.08 0.20
CA GLU C 5 -47.20 8.56 1.57
C GLU C 5 -45.73 8.46 1.94
N LEU C 6 -45.17 9.56 2.45
CA LEU C 6 -43.76 9.58 2.83
C LEU C 6 -43.58 8.88 4.17
N LYS C 7 -42.58 8.04 4.24
CA LYS C 7 -42.27 7.27 5.43
C LYS C 7 -41.13 7.90 6.20
N PRO C 8 -40.94 7.52 7.46
CA PRO C 8 -39.76 7.99 8.19
C PRO C 8 -38.48 7.66 7.45
N GLY C 9 -37.49 8.52 7.62
CA GLY C 9 -36.28 8.45 6.85
C GLY C 9 -36.28 9.32 5.62
N THR C 10 -37.34 10.10 5.40
CA THR C 10 -37.37 11.04 4.30
C THR C 10 -36.44 12.20 4.61
N ASN C 11 -35.79 12.72 3.56
CA ASN C 11 -34.90 13.87 3.60
C ASN C 11 -33.60 13.59 4.36
N GLN C 12 -33.41 12.38 4.89
CA GLN C 12 -32.17 12.09 5.58
C GLN C 12 -31.05 11.87 4.57
N PHE C 13 -29.82 12.02 5.04
CA PHE C 13 -28.64 11.79 4.23
C PHE C 13 -27.80 10.74 4.94
N LEU C 14 -27.93 9.50 4.50
CA LEU C 14 -27.14 8.40 5.04
C LEU C 14 -25.88 8.26 4.20
N THR C 15 -24.72 8.39 4.82
CA THR C 15 -23.47 8.41 4.07
C THR C 15 -23.13 7.07 3.44
N THR C 16 -23.80 5.99 3.83
CA THR C 16 -23.52 4.67 3.27
C THR C 16 -24.70 4.14 2.46
N ASP C 17 -25.46 5.02 1.84
CA ASP C 17 -26.66 4.66 1.11
C ASP C 17 -26.35 4.60 -0.38
N ASP C 18 -26.36 3.39 -0.93
CA ASP C 18 -26.08 3.19 -2.35
C ASP C 18 -27.34 3.47 -3.15
N GLY C 19 -27.49 4.71 -3.60
CA GLY C 19 -28.62 5.09 -4.40
C GLY C 19 -28.17 5.82 -5.66
N THR C 20 -29.14 6.16 -6.49
CA THR C 20 -28.87 6.91 -7.71
C THR C 20 -28.89 8.40 -7.44
N SER C 21 -28.27 9.15 -8.35
CA SER C 21 -28.21 10.59 -8.27
C SER C 21 -28.16 11.12 -9.69
N PRO C 22 -28.74 12.30 -9.95
CA PRO C 22 -28.77 12.81 -11.31
C PRO C 22 -27.37 13.16 -11.79
N PRO C 23 -27.07 12.89 -13.06
CA PRO C 23 -25.73 13.18 -13.58
C PRO C 23 -25.61 14.64 -13.99
N ILE C 24 -24.42 15.20 -13.76
CA ILE C 24 -24.23 16.61 -14.07
C ILE C 24 -23.89 16.81 -15.54
N LEU C 25 -23.28 15.82 -16.19
CA LEU C 25 -22.82 15.96 -17.56
C LEU C 25 -23.54 14.95 -18.45
N PRO C 26 -24.58 15.36 -19.17
CA PRO C 26 -25.28 14.42 -20.05
C PRO C 26 -24.41 14.01 -21.23
N GLY C 27 -24.52 12.74 -21.60
CA GLY C 27 -23.78 12.24 -22.73
C GLY C 27 -22.28 12.19 -22.56
N PHE C 28 -21.80 12.20 -21.31
CA PHE C 28 -20.37 12.18 -21.05
C PHE C 28 -19.84 10.77 -21.22
N GLU C 29 -18.81 10.61 -22.04
CA GLU C 29 -18.13 9.34 -22.18
C GLU C 29 -16.73 9.47 -21.62
N PRO C 30 -16.37 8.74 -20.58
CA PRO C 30 -15.06 8.92 -19.96
C PRO C 30 -13.92 8.45 -20.84
N THR C 31 -12.69 8.67 -20.38
CA THR C 31 -11.53 8.22 -21.12
C THR C 31 -11.54 6.70 -21.20
N PRO C 32 -11.16 6.12 -22.34
CA PRO C 32 -11.10 4.67 -22.46
C PRO C 32 -10.25 4.05 -21.36
N LEU C 33 -10.62 2.85 -20.96
CA LEU C 33 -9.97 2.14 -19.87
C LEU C 33 -8.92 1.20 -20.45
N ILE C 34 -7.65 1.54 -20.27
CA ILE C 34 -6.55 0.69 -20.71
C ILE C 34 -6.16 -0.25 -19.59
N HIS C 35 -5.40 -1.29 -19.92
CA HIS C 35 -4.96 -2.25 -18.93
C HIS C 35 -3.79 -1.70 -18.12
N ILE C 36 -3.92 -1.73 -16.79
CA ILE C 36 -2.85 -1.35 -15.88
C ILE C 36 -2.52 -2.58 -15.04
N PRO C 37 -1.26 -2.98 -14.94
CA PRO C 37 -0.92 -4.11 -14.09
C PRO C 37 -1.10 -3.78 -12.62
N GLY C 38 -1.42 -4.81 -11.85
CA GLY C 38 -1.48 -4.67 -10.41
C GLY C 38 -2.81 -4.20 -9.86
N GLU C 39 -3.90 -4.69 -10.43
CA GLU C 39 -5.22 -4.35 -9.94
C GLU C 39 -5.60 -5.28 -8.79
N PHE C 40 -6.15 -4.72 -7.72
CA PHE C 40 -6.67 -5.51 -6.64
C PHE C 40 -8.15 -5.22 -6.45
N THR C 41 -8.93 -6.26 -6.22
CA THR C 41 -10.37 -6.16 -6.11
C THR C 41 -10.89 -6.44 -4.72
N SER C 42 -10.04 -6.87 -3.80
CA SER C 42 -10.47 -7.17 -2.44
C SER C 42 -9.33 -6.87 -1.49
N LEU C 43 -9.67 -6.35 -0.31
CA LEU C 43 -8.65 -6.07 0.68
C LEU C 43 -8.12 -7.33 1.33
N LEU C 44 -8.85 -8.44 1.24
CA LEU C 44 -8.35 -9.69 1.79
C LEU C 44 -7.13 -10.19 1.04
N ASP C 45 -7.01 -9.85 -0.24
CA ASP C 45 -5.80 -10.19 -0.97
C ASP C 45 -4.59 -9.44 -0.43
N LEU C 46 -4.82 -8.27 0.17
CA LEU C 46 -3.73 -7.49 0.73
C LEU C 46 -3.30 -8.02 2.10
N CYS C 47 -4.26 -8.47 2.90
CA CYS C 47 -3.93 -8.99 4.22
C CYS C 47 -3.13 -10.29 4.15
N GLN C 48 -3.13 -10.96 3.00
CA GLN C 48 -2.38 -12.19 2.84
C GLN C 48 -0.95 -11.96 2.38
N VAL C 49 -0.53 -10.71 2.23
CA VAL C 49 0.83 -10.38 1.86
C VAL C 49 1.65 -10.22 3.12
N GLU C 50 2.79 -10.91 3.19
CA GLU C 50 3.62 -10.86 4.37
C GLU C 50 4.32 -9.51 4.47
N THR C 51 4.22 -8.88 5.63
CA THR C 51 4.88 -7.61 5.90
C THR C 51 5.57 -7.70 7.25
N ILE C 52 6.56 -6.82 7.45
CA ILE C 52 7.46 -6.96 8.58
C ILE C 52 6.75 -6.60 9.88
N LEU C 53 6.86 -7.47 10.88
CA LEU C 53 6.37 -7.17 12.21
C LEU C 53 7.40 -6.35 12.98
N GLU C 54 6.91 -5.33 13.69
CA GLU C 54 7.78 -4.51 14.52
C GLU C 54 7.85 -5.08 15.92
N VAL C 55 8.54 -6.22 16.02
CA VAL C 55 8.59 -6.95 17.28
C VAL C 55 9.43 -6.20 18.30
N ASN C 56 10.53 -5.60 17.87
CA ASN C 56 11.42 -4.88 18.78
C ASN C 56 10.92 -3.45 19.02
N ASN C 57 9.65 -3.32 19.37
CA ASN C 57 9.05 -2.00 19.61
C ASN C 57 9.27 -1.57 21.05
N THR C 58 10.53 -1.54 21.44
CA THR C 58 10.90 -1.18 22.80
C THR C 58 11.34 0.28 22.86
N THR C 59 11.26 0.85 24.05
CA THR C 59 11.69 2.23 24.25
C THR C 59 13.19 2.33 24.03
N GLY C 60 13.60 3.33 23.24
CA GLY C 60 14.99 3.53 22.90
C GLY C 60 15.37 3.00 21.54
N THR C 61 14.76 1.91 21.11
CA THR C 61 15.03 1.37 19.79
C THR C 61 14.42 2.27 18.72
N THR C 62 15.23 2.68 17.76
CA THR C 62 14.82 3.68 16.79
C THR C 62 15.02 3.16 15.38
N GLY C 63 14.12 3.59 14.49
CA GLY C 63 14.30 3.35 13.07
C GLY C 63 14.14 1.89 12.69
N VAL C 64 14.97 1.48 11.73
CA VAL C 64 14.89 0.12 11.20
C VAL C 64 15.23 -0.91 12.27
N SER C 65 15.93 -0.50 13.32
CA SER C 65 16.28 -1.43 14.39
C SER C 65 15.06 -2.02 15.08
N ARG C 66 13.91 -1.36 14.97
CA ARG C 66 12.71 -1.86 15.62
C ARG C 66 12.13 -3.07 14.91
N LEU C 67 12.63 -3.42 13.73
CA LEU C 67 12.10 -4.53 12.96
C LEU C 67 12.90 -5.81 13.12
N LEU C 68 13.84 -5.85 14.06
CA LEU C 68 14.76 -6.96 14.20
C LEU C 68 14.60 -7.61 15.57
N ILE C 69 14.55 -8.94 15.58
CA ILE C 69 14.52 -9.72 16.82
C ILE C 69 15.95 -10.18 17.09
N PRO C 70 16.64 -9.61 18.07
CA PRO C 70 18.04 -10.00 18.32
C PRO C 70 18.12 -11.42 18.85
N VAL C 71 19.03 -12.20 18.28
CA VAL C 71 19.32 -13.55 18.73
C VAL C 71 20.83 -13.68 18.83
N ARG C 72 21.30 -14.32 19.91
CA ARG C 72 22.73 -14.41 20.17
C ARG C 72 23.04 -15.74 20.83
N ALA C 73 24.32 -16.01 20.98
CA ALA C 73 24.75 -17.22 21.68
C ALA C 73 24.47 -17.09 23.16
N GLN C 74 23.76 -18.06 23.72
CA GLN C 74 23.36 -18.01 25.11
C GLN C 74 24.40 -18.66 26.00
N ASN C 75 24.47 -18.20 27.24
CA ASN C 75 25.28 -18.85 28.26
C ASN C 75 24.51 -19.88 29.07
N ASN C 76 23.18 -19.79 29.08
CA ASN C 76 22.31 -20.75 29.73
C ASN C 76 21.39 -21.38 28.71
N VAL C 77 20.63 -22.37 29.14
CA VAL C 77 19.76 -23.12 28.26
C VAL C 77 18.31 -22.69 28.50
N ASP C 78 17.50 -22.87 27.46
CA ASP C 78 16.05 -22.64 27.51
C ASP C 78 15.73 -21.21 27.95
N GLN C 79 16.24 -20.26 27.19
CA GLN C 79 16.02 -18.85 27.46
C GLN C 79 14.99 -18.28 26.51
N LEU C 80 14.35 -17.19 26.95
CA LEU C 80 13.33 -16.53 26.15
C LEU C 80 13.98 -15.53 25.22
N CYS C 81 13.68 -15.64 23.93
CA CYS C 81 14.23 -14.75 22.93
C CYS C 81 13.38 -13.48 22.79
N ALA C 82 12.10 -13.66 22.51
CA ALA C 82 11.19 -12.52 22.37
C ALA C 82 9.76 -13.04 22.49
N SER C 83 8.83 -12.10 22.57
CA SER C 83 7.42 -12.46 22.66
C SER C 83 6.58 -11.27 22.20
N PHE C 84 5.36 -11.58 21.78
CA PHE C 84 4.41 -10.55 21.36
C PHE C 84 3.03 -11.18 21.28
N GLN C 85 2.02 -10.33 21.38
CA GLN C 85 0.65 -10.80 21.25
C GLN C 85 0.26 -10.87 19.79
N VAL C 86 -0.71 -11.73 19.49
CA VAL C 86 -1.12 -11.95 18.11
C VAL C 86 -2.49 -11.33 17.86
N ASP C 87 -2.84 -10.31 18.63
CA ASP C 87 -4.05 -9.56 18.33
C ASP C 87 -3.72 -8.53 17.26
N PRO C 88 -4.30 -8.65 16.06
CA PRO C 88 -3.86 -7.78 14.96
C PRO C 88 -4.20 -6.32 15.16
N GLY C 89 -5.35 -6.02 15.73
CA GLY C 89 -5.73 -4.64 15.92
C GLY C 89 -5.20 -4.00 17.17
N ARG C 90 -4.45 -4.75 17.98
CA ARG C 90 -3.94 -4.23 19.25
C ARG C 90 -2.70 -3.39 18.99
N ASN C 91 -2.55 -2.32 19.76
CA ASN C 91 -1.34 -1.51 19.69
C ASN C 91 -0.12 -2.34 20.02
N GLY C 92 0.76 -2.55 19.05
CA GLY C 92 1.94 -3.34 19.27
C GLY C 92 2.61 -3.71 17.97
N PRO C 93 3.30 -4.85 17.97
CA PRO C 93 4.07 -5.24 16.77
C PRO C 93 3.22 -5.37 15.52
N TRP C 94 1.94 -5.69 15.64
CA TRP C 94 1.11 -5.86 14.46
C TRP C 94 0.68 -4.55 13.83
N GLN C 95 0.97 -3.41 14.47
CA GLN C 95 0.61 -2.13 13.88
C GLN C 95 1.39 -1.86 12.60
N SER C 96 2.58 -2.45 12.48
CA SER C 96 3.42 -2.17 11.32
C SER C 96 3.11 -3.06 10.13
N THR C 97 2.10 -3.91 10.22
CA THR C 97 1.79 -4.87 9.17
C THR C 97 0.61 -4.40 8.33
N MET C 98 0.59 -4.86 7.08
CA MET C 98 -0.54 -4.53 6.21
C MET C 98 -1.81 -5.16 6.71
N VAL C 99 -1.73 -6.39 7.22
CA VAL C 99 -2.90 -7.01 7.82
C VAL C 99 -3.31 -6.26 9.09
N GLY C 100 -2.33 -5.79 9.85
CA GLY C 100 -2.64 -5.06 11.07
C GLY C 100 -3.26 -3.71 10.82
N GLN C 101 -2.92 -3.07 9.71
CA GLN C 101 -3.46 -1.76 9.40
C GLN C 101 -4.80 -1.83 8.70
N ILE C 102 -5.04 -2.89 7.94
CA ILE C 102 -6.34 -3.07 7.32
C ILE C 102 -7.34 -3.58 8.36
N CYS C 103 -6.89 -4.37 9.33
CA CYS C 103 -7.78 -4.82 10.39
C CYS C 103 -8.35 -3.64 11.18
N ARG C 104 -7.59 -2.56 11.32
CA ARG C 104 -8.07 -1.42 12.07
C ARG C 104 -9.18 -0.66 11.33
N TYR C 105 -9.39 -0.96 10.05
CA TYR C 105 -10.52 -0.39 9.32
C TYR C 105 -11.78 -1.22 9.46
N TYR C 106 -11.72 -2.33 10.18
CA TYR C 106 -12.87 -3.21 10.35
C TYR C 106 -13.06 -3.51 11.84
N THR C 107 -14.29 -3.84 12.20
CA THR C 107 -14.61 -4.07 13.60
C THR C 107 -14.19 -5.45 14.06
N GLN C 108 -14.49 -6.47 13.26
CA GLN C 108 -14.27 -7.85 13.65
C GLN C 108 -13.52 -8.58 12.56
N TRP C 109 -12.69 -9.53 12.98
CA TRP C 109 -11.89 -10.33 12.07
C TRP C 109 -12.04 -11.80 12.41
N SER C 110 -11.57 -12.65 11.49
CA SER C 110 -11.66 -14.09 11.68
C SER C 110 -10.66 -14.76 10.78
N GLY C 111 -10.23 -15.94 11.18
CA GLY C 111 -9.33 -16.75 10.37
C GLY C 111 -7.96 -16.89 11.01
N SER C 112 -7.19 -17.79 10.43
CA SER C 112 -5.85 -18.08 10.93
C SER C 112 -4.88 -16.99 10.51
N LEU C 113 -3.91 -16.73 11.37
CA LEU C 113 -2.84 -15.80 11.07
C LEU C 113 -1.60 -16.59 10.65
N LYS C 114 -0.55 -15.86 10.30
CA LYS C 114 0.65 -16.47 9.75
C LYS C 114 1.83 -15.57 10.03
N VAL C 115 2.86 -16.11 10.66
CA VAL C 115 4.09 -15.38 10.94
C VAL C 115 5.24 -16.18 10.34
N THR C 116 6.02 -15.53 9.49
CA THR C 116 7.19 -16.13 8.87
C THR C 116 8.44 -15.50 9.45
N PHE C 117 9.31 -16.31 10.02
CA PHE C 117 10.54 -15.84 10.63
C PHE C 117 11.70 -16.10 9.67
N MET C 118 12.51 -15.08 9.42
CA MET C 118 13.67 -15.19 8.55
C MET C 118 14.92 -14.93 9.36
N PHE C 119 15.82 -15.91 9.41
CA PHE C 119 17.07 -15.76 10.12
C PHE C 119 18.08 -15.08 9.21
N THR C 120 18.75 -14.06 9.73
CA THR C 120 19.66 -13.25 8.94
C THR C 120 21.06 -13.25 9.54
N GLY C 121 21.49 -14.39 10.07
CA GLY C 121 22.83 -14.54 10.58
C GLY C 121 23.78 -15.04 9.52
N SER C 122 24.98 -15.38 9.98
CA SER C 122 25.99 -15.93 9.09
C SER C 122 25.54 -17.26 8.52
N PHE C 123 26.13 -17.64 7.40
CA PHE C 123 25.90 -18.99 6.88
C PHE C 123 26.44 -20.03 7.84
N MET C 124 27.48 -19.70 8.58
CA MET C 124 28.10 -20.64 9.50
C MET C 124 27.36 -20.76 10.82
N ALA C 125 26.44 -19.84 11.11
CA ALA C 125 25.71 -19.87 12.37
C ALA C 125 24.58 -20.88 12.31
N THR C 126 24.51 -21.75 13.31
CA THR C 126 23.44 -22.72 13.42
C THR C 126 22.67 -22.49 14.70
N GLY C 127 21.49 -23.06 14.77
CA GLY C 127 20.67 -22.91 15.95
C GLY C 127 19.31 -23.54 15.74
N LYS C 128 18.60 -23.71 16.85
CA LYS C 128 17.23 -24.21 16.83
C LYS C 128 16.40 -23.37 17.78
N MET C 129 15.21 -22.99 17.33
CA MET C 129 14.30 -22.19 18.13
C MET C 129 12.99 -22.93 18.28
N LEU C 130 12.33 -22.70 19.41
CA LEU C 130 10.98 -23.18 19.65
C LEU C 130 10.07 -21.96 19.67
N ILE C 131 9.25 -21.83 18.63
CA ILE C 131 8.30 -20.70 18.55
C ILE C 131 6.93 -21.27 18.91
N ALA C 132 6.40 -20.89 20.08
CA ALA C 132 5.15 -21.42 20.60
C ALA C 132 4.08 -20.35 20.58
N TYR C 133 2.87 -20.76 20.21
CA TYR C 133 1.69 -19.89 20.26
C TYR C 133 0.78 -20.39 21.37
N THR C 134 0.61 -19.58 22.40
CA THR C 134 -0.18 -19.98 23.55
C THR C 134 -1.60 -19.46 23.39
N PRO C 135 -2.61 -20.33 23.33
CA PRO C 135 -3.98 -19.89 23.20
C PRO C 135 -4.42 -19.05 24.39
N PRO C 136 -5.57 -18.39 24.30
CA PRO C 136 -6.00 -17.51 25.40
C PRO C 136 -6.18 -18.27 26.70
N GLY C 137 -6.33 -17.50 27.78
CA GLY C 137 -6.52 -18.02 29.09
C GLY C 137 -5.27 -18.04 29.94
N SER C 138 -4.09 -18.14 29.32
CA SER C 138 -2.83 -18.15 30.03
C SER C 138 -2.05 -16.89 29.69
N ALA C 139 -1.30 -16.41 30.68
CA ALA C 139 -0.37 -15.32 30.44
C ALA C 139 0.80 -15.83 29.61
N GLN C 140 1.75 -14.94 29.37
CA GLN C 140 2.96 -15.36 28.65
C GLN C 140 3.67 -16.45 29.45
N PRO C 141 4.02 -17.56 28.82
CA PRO C 141 4.68 -18.64 29.56
C PRO C 141 6.00 -18.19 30.16
N THR C 142 6.28 -18.66 31.37
CA THR C 142 7.48 -18.25 32.07
C THR C 142 8.68 -19.13 31.74
N THR C 143 8.45 -20.38 31.37
CA THR C 143 9.52 -21.29 31.00
C THR C 143 9.20 -21.93 29.66
N ARG C 144 10.23 -22.46 29.02
CA ARG C 144 10.02 -23.17 27.77
C ARG C 144 9.19 -24.42 27.98
N GLU C 145 9.29 -25.04 29.16
CA GLU C 145 8.49 -26.22 29.44
C GLU C 145 7.00 -25.92 29.38
N ALA C 146 6.60 -24.73 29.82
CA ALA C 146 5.19 -24.37 29.77
C ALA C 146 4.76 -23.93 28.38
N ALA C 147 5.68 -23.36 27.60
CA ALA C 147 5.31 -22.86 26.28
C ALA C 147 5.10 -24.02 25.30
N MET C 148 5.88 -25.08 25.42
CA MET C 148 5.78 -26.19 24.48
C MET C 148 4.47 -26.95 24.60
N LEU C 149 3.63 -26.64 25.58
CA LEU C 149 2.35 -27.30 25.70
C LEU C 149 1.32 -26.78 24.72
N GLY C 150 1.58 -25.66 24.05
CA GLY C 150 0.68 -25.12 23.06
C GLY C 150 1.16 -25.37 21.65
N THR C 151 0.46 -24.76 20.70
CA THR C 151 0.84 -24.85 19.30
C THR C 151 2.23 -24.26 19.12
N HIS C 152 3.18 -25.09 18.68
CA HIS C 152 4.56 -24.64 18.53
C HIS C 152 5.20 -25.32 17.34
N ILE C 153 6.32 -24.74 16.92
CA ILE C 153 7.14 -25.29 15.84
C ILE C 153 8.60 -25.19 16.26
N VAL C 154 9.36 -26.25 16.01
CA VAL C 154 10.80 -26.23 16.26
C VAL C 154 11.49 -25.85 14.96
N TRP C 155 12.19 -24.73 14.98
CA TRP C 155 12.79 -24.15 13.78
C TRP C 155 14.27 -24.46 13.75
N ASP C 156 14.73 -25.00 12.63
CA ASP C 156 16.12 -25.37 12.44
C ASP C 156 16.73 -24.43 11.40
N PHE C 157 17.79 -23.73 11.80
CA PHE C 157 18.47 -22.84 10.86
C PHE C 157 19.23 -23.66 9.83
N GLY C 158 19.08 -23.29 8.56
CA GLY C 158 19.74 -24.02 7.50
C GLY C 158 19.71 -23.28 6.18
N LEU C 159 19.82 -24.00 5.07
CA LEU C 159 19.74 -23.35 3.77
C LEU C 159 18.38 -22.71 3.55
N GLN C 160 17.32 -23.35 4.01
CA GLN C 160 16.00 -22.75 4.01
C GLN C 160 15.95 -21.81 5.21
N SER C 161 16.12 -20.52 4.93
CA SER C 161 16.31 -19.54 6.00
C SER C 161 15.03 -19.05 6.63
N SER C 162 13.88 -19.57 6.23
CA SER C 162 12.61 -19.07 6.74
C SER C 162 11.74 -20.22 7.20
N VAL C 163 10.95 -19.96 8.24
CA VAL C 163 9.97 -20.91 8.73
C VAL C 163 8.67 -20.14 8.95
N THR C 164 7.56 -20.87 8.90
CA THR C 164 6.25 -20.27 9.06
C THR C 164 5.57 -20.90 10.26
N LEU C 165 5.14 -20.04 11.19
CA LEU C 165 4.35 -20.52 12.34
C LEU C 165 2.92 -20.03 12.11
N VAL C 166 1.99 -20.94 11.81
CA VAL C 166 0.60 -20.59 11.63
C VAL C 166 -0.06 -20.49 12.99
N ILE C 167 -0.72 -19.36 13.24
CA ILE C 167 -1.53 -19.20 14.44
C ILE C 167 -2.92 -19.69 14.08
N PRO C 168 -3.31 -20.89 14.50
CA PRO C 168 -4.60 -21.42 14.09
C PRO C 168 -5.74 -20.61 14.69
N TRP C 169 -6.87 -20.60 13.97
CA TRP C 169 -8.04 -19.89 14.45
C TRP C 169 -8.65 -20.70 15.59
N ILE C 170 -8.12 -20.49 16.78
CA ILE C 170 -8.63 -21.15 17.98
C ILE C 170 -9.42 -20.13 18.78
N SER C 171 -10.73 -20.08 18.57
CA SER C 171 -11.56 -19.08 19.23
C SER C 171 -12.91 -19.70 19.53
N ASN C 172 -13.61 -19.11 20.50
CA ASN C 172 -14.95 -19.57 20.81
C ASN C 172 -15.98 -18.96 19.86
N THR C 173 -15.86 -17.67 19.57
CA THR C 173 -16.78 -17.00 18.67
C THR C 173 -16.29 -17.11 17.24
N HIS C 174 -17.22 -17.00 16.30
CA HIS C 174 -16.85 -17.04 14.88
C HIS C 174 -15.98 -15.86 14.50
N PHE C 175 -16.16 -14.73 15.17
CA PHE C 175 -15.35 -13.54 14.92
C PHE C 175 -14.79 -13.02 16.24
N ARG C 176 -13.69 -12.30 16.13
CA ARG C 176 -13.11 -11.60 17.26
C ARG C 176 -13.16 -10.11 16.98
N ALA C 177 -13.45 -9.32 18.00
CA ALA C 177 -13.41 -7.88 17.85
C ALA C 177 -11.98 -7.41 17.67
N VAL C 178 -11.79 -6.43 16.80
CA VAL C 178 -10.46 -5.85 16.63
C VAL C 178 -10.04 -5.09 17.88
N LYS C 179 -10.99 -4.42 18.53
CA LYS C 179 -10.70 -3.74 19.78
C LYS C 179 -10.31 -4.75 20.85
N THR C 180 -9.33 -4.40 21.66
CA THR C 180 -8.90 -5.23 22.78
C THR C 180 -8.64 -4.35 23.99
N GLY C 181 -8.40 -5.00 25.12
CA GLY C 181 -8.20 -4.28 26.36
C GLY C 181 -9.47 -4.17 27.18
N GLY C 182 -9.35 -4.25 28.50
CA GLY C 182 -10.54 -4.19 29.33
C GLY C 182 -11.34 -5.46 29.20
N VAL C 183 -12.68 -5.31 29.19
CA VAL C 183 -13.53 -6.47 28.98
C VAL C 183 -13.40 -7.05 27.58
N TYR C 184 -12.72 -6.35 26.69
CA TYR C 184 -12.50 -6.86 25.35
C TYR C 184 -11.32 -7.81 25.26
N ASP C 185 -10.64 -8.09 26.38
CA ASP C 185 -9.70 -9.20 26.40
C ASP C 185 -10.40 -10.53 26.22
N TYR C 186 -11.73 -10.55 26.31
CA TYR C 186 -12.51 -11.72 25.93
C TYR C 186 -12.18 -12.15 24.51
N TYR C 187 -11.74 -11.22 23.67
CA TYR C 187 -11.36 -11.50 22.29
C TYR C 187 -9.86 -11.62 22.10
N ALA C 188 -9.09 -11.75 23.18
CA ALA C 188 -7.65 -11.89 23.05
C ALA C 188 -7.33 -13.16 22.28
N THR C 189 -6.26 -13.11 21.50
CA THR C 189 -5.87 -14.21 20.64
C THR C 189 -4.80 -15.11 21.25
N GLY C 190 -3.88 -14.55 22.02
CA GLY C 190 -2.86 -15.32 22.67
C GLY C 190 -1.52 -14.66 22.51
N ILE C 191 -0.47 -15.38 22.90
CA ILE C 191 0.88 -14.87 22.90
C ILE C 191 1.77 -15.83 22.12
N VAL C 192 2.67 -15.27 21.31
CA VAL C 192 3.70 -16.03 20.62
C VAL C 192 5.01 -15.74 21.31
N THR C 193 5.71 -16.78 21.74
CA THR C 193 7.01 -16.64 22.37
C THR C 193 8.03 -17.44 21.59
N ILE C 194 9.27 -16.94 21.59
CA ILE C 194 10.39 -17.57 20.91
C ILE C 194 11.38 -18.02 21.96
N TRP C 195 11.70 -19.30 21.98
CA TRP C 195 12.63 -19.87 22.95
C TRP C 195 13.78 -20.52 22.21
N TYR C 196 14.92 -20.62 22.91
CA TYR C 196 16.08 -21.32 22.39
C TYR C 196 15.88 -22.81 22.61
N GLN C 197 15.58 -23.54 21.54
CA GLN C 197 15.52 -24.99 21.63
C GLN C 197 16.90 -25.54 21.98
N THR C 198 17.89 -25.21 21.17
CA THR C 198 19.30 -25.38 21.50
C THR C 198 19.94 -24.00 21.50
N ASN C 199 21.26 -23.97 21.57
CA ASN C 199 21.97 -22.70 21.60
C ASN C 199 22.09 -22.14 20.17
N PHE C 200 22.66 -20.95 20.09
CA PHE C 200 23.03 -20.31 18.83
C PHE C 200 24.53 -20.49 18.70
N VAL C 201 24.96 -21.49 17.94
CA VAL C 201 26.34 -21.94 17.90
C VAL C 201 27.02 -21.38 16.67
N VAL C 202 28.24 -20.87 16.84
CA VAL C 202 29.00 -20.30 15.73
C VAL C 202 30.43 -20.79 15.80
N PRO C 203 31.13 -20.91 14.67
CA PRO C 203 32.56 -21.22 14.71
C PRO C 203 33.35 -20.03 15.18
N PRO C 204 34.68 -20.11 15.23
CA PRO C 204 35.47 -18.91 15.50
C PRO C 204 35.38 -17.90 14.37
N ASP C 205 35.59 -16.63 14.72
CA ASP C 205 35.74 -15.56 13.75
C ASP C 205 34.46 -15.30 12.96
N THR C 206 33.32 -15.41 13.64
CA THR C 206 32.04 -15.07 13.03
C THR C 206 31.16 -14.41 14.07
N PRO C 207 30.30 -13.47 13.67
CA PRO C 207 29.50 -12.73 14.65
C PRO C 207 28.64 -13.66 15.50
N THR C 208 28.62 -13.39 16.79
CA THR C 208 27.85 -14.19 17.73
C THR C 208 26.44 -13.68 17.94
N GLU C 209 26.08 -12.54 17.36
CA GLU C 209 24.75 -11.98 17.48
C GLU C 209 24.18 -11.75 16.09
N ALA C 210 22.94 -12.19 15.88
CA ALA C 210 22.28 -11.98 14.61
C ALA C 210 20.88 -11.45 14.83
N ASN C 211 20.08 -11.37 13.78
CA ASN C 211 18.72 -10.87 13.87
C ASN C 211 17.76 -11.84 13.22
N ILE C 212 16.56 -11.93 13.77
CA ILE C 212 15.44 -12.63 13.15
C ILE C 212 14.43 -11.60 12.72
N ILE C 213 13.93 -11.72 11.50
CA ILE C 213 12.91 -10.81 10.97
C ILE C 213 11.58 -11.56 10.92
N ALA C 214 10.56 -10.97 11.51
CA ALA C 214 9.24 -11.58 11.58
C ALA C 214 8.32 -10.91 10.57
N LEU C 215 7.68 -11.72 9.73
CA LEU C 215 6.75 -11.23 8.71
C LEU C 215 5.39 -11.80 9.02
N GLY C 216 4.43 -10.93 9.33
CA GLY C 216 3.09 -11.34 9.68
C GLY C 216 2.12 -11.13 8.53
N ALA C 217 1.16 -12.03 8.41
CA ALA C 217 0.16 -11.96 7.35
C ALA C 217 -1.02 -12.80 7.77
N ALA C 218 -1.98 -12.95 6.85
CA ALA C 218 -3.19 -13.71 7.10
C ALA C 218 -3.23 -14.97 6.26
N GLN C 219 -4.07 -15.91 6.68
CA GLN C 219 -4.21 -17.16 5.97
C GLN C 219 -5.34 -17.07 4.94
N LYS C 220 -5.57 -18.16 4.21
CA LYS C 220 -6.59 -18.15 3.17
C LYS C 220 -7.99 -17.98 3.73
N ASN C 221 -8.21 -18.41 4.97
CA ASN C 221 -9.52 -18.31 5.59
C ASN C 221 -9.71 -17.04 6.41
N PHE C 222 -8.94 -16.00 6.11
CA PHE C 222 -9.06 -14.75 6.83
C PHE C 222 -10.27 -13.97 6.36
N THR C 223 -10.89 -13.24 7.28
CA THR C 223 -12.11 -12.49 6.97
C THR C 223 -12.21 -11.27 7.86
N LEU C 224 -12.83 -10.22 7.33
CA LEU C 224 -13.10 -9.00 8.06
C LEU C 224 -14.59 -8.68 7.98
N LYS C 225 -15.07 -7.87 8.92
CA LYS C 225 -16.49 -7.60 9.00
C LYS C 225 -16.71 -6.24 9.65
N LEU C 226 -17.82 -5.60 9.29
CA LEU C 226 -18.28 -4.36 9.91
C LEU C 226 -17.23 -3.25 9.78
N CYS C 227 -17.04 -2.82 8.53
CA CYS C 227 -16.09 -1.77 8.22
C CYS C 227 -16.36 -0.52 9.03
N LYS C 228 -15.30 0.03 9.63
CA LYS C 228 -15.40 1.24 10.44
C LYS C 228 -14.30 2.22 10.06
N ASP C 229 -14.14 3.29 10.83
CA ASP C 229 -13.09 4.26 10.61
C ASP C 229 -11.93 3.95 11.53
N THR C 230 -10.71 4.01 11.00
CA THR C 230 -9.53 3.65 11.77
C THR C 230 -9.20 4.73 12.78
N ASP C 231 -8.25 4.42 13.66
CA ASP C 231 -7.76 5.34 14.67
C ASP C 231 -6.25 5.54 14.55
N GLU C 232 -5.71 5.37 13.36
CA GLU C 232 -4.26 5.41 13.19
C GLU C 232 -3.73 6.83 13.16
N ILE C 233 -4.30 7.69 12.33
CA ILE C 233 -3.83 9.06 12.15
C ILE C 233 -4.93 10.01 12.60
N GLN C 234 -4.52 11.09 13.27
CA GLN C 234 -5.42 12.14 13.70
C GLN C 234 -5.17 13.40 12.89
N GLN C 235 -6.13 14.32 12.94
CA GLN C 235 -6.03 15.60 12.27
C GLN C 235 -6.72 16.65 13.12
N THR C 236 -6.09 17.82 13.24
CA THR C 236 -6.66 18.91 14.00
C THR C 236 -7.07 20.10 13.13
N ALA C 237 -6.61 20.16 11.88
CA ALA C 237 -6.99 21.26 11.00
C ALA C 237 -6.87 20.79 9.57
N GLU C 238 -7.66 21.39 8.70
CA GLU C 238 -7.61 21.09 7.28
C GLU C 238 -6.20 21.34 6.75
N TYR C 239 -5.83 20.60 5.72
CA TYR C 239 -4.47 20.60 5.21
C TYR C 239 -4.20 21.72 4.21
N GLN C 240 -5.01 22.78 4.24
CA GLN C 240 -4.77 23.94 3.40
C GLN C 240 -3.62 24.77 3.95
N ILE D 25 -38.89 -10.48 -3.20
CA ILE D 25 -38.92 -9.67 -4.41
C ILE D 25 -38.07 -8.43 -4.24
N ASN D 26 -36.94 -8.37 -4.95
CA ASN D 26 -36.02 -7.25 -4.87
C ASN D 26 -36.22 -6.34 -6.06
N PHE D 27 -36.39 -5.04 -5.79
CA PHE D 27 -36.56 -4.03 -6.82
C PHE D 27 -35.47 -2.99 -6.60
N THR D 28 -34.28 -3.25 -7.15
CA THR D 28 -33.14 -2.37 -6.97
C THR D 28 -32.23 -2.52 -8.17
N ASN D 29 -31.08 -1.85 -8.13
CA ASN D 29 -30.11 -1.87 -9.22
C ASN D 29 -30.75 -1.42 -10.52
N ILE D 30 -31.61 -0.42 -10.44
CA ILE D 30 -32.29 0.15 -11.61
C ILE D 30 -31.81 1.58 -11.76
N ASN D 31 -31.46 1.97 -12.98
CA ASN D 31 -30.94 3.28 -13.29
C ASN D 31 -32.03 4.13 -13.91
N TYR D 32 -32.27 5.31 -13.34
CA TYR D 32 -33.36 6.17 -13.77
C TYR D 32 -32.92 7.25 -14.74
N TYR D 33 -31.63 7.37 -15.02
CA TYR D 33 -31.12 8.41 -15.88
C TYR D 33 -30.43 7.79 -17.08
N LYS D 34 -30.27 8.61 -18.13
CA LYS D 34 -29.75 8.08 -19.39
C LYS D 34 -28.27 7.79 -19.35
N ASP D 35 -27.54 8.37 -18.42
CA ASP D 35 -26.09 8.19 -18.36
C ASP D 35 -25.75 7.08 -17.37
N SER D 36 -24.87 6.17 -17.80
CA SER D 36 -24.63 4.96 -17.03
C SER D 36 -23.92 5.24 -15.72
N TYR D 37 -23.13 6.30 -15.64
CA TYR D 37 -22.41 6.56 -14.40
C TYR D 37 -23.32 7.09 -13.30
N ALA D 38 -24.60 7.31 -13.58
CA ALA D 38 -25.54 7.71 -12.55
C ALA D 38 -26.08 6.54 -11.75
N ALA D 39 -25.81 5.30 -12.18
CA ALA D 39 -26.32 4.14 -11.47
C ALA D 39 -25.64 4.01 -10.11
N SER D 40 -26.21 3.15 -9.27
CA SER D 40 -25.66 2.94 -7.95
C SER D 40 -24.39 2.10 -8.04
N ALA D 41 -23.79 1.83 -6.89
CA ALA D 41 -22.54 1.08 -6.86
C ALA D 41 -22.74 -0.33 -7.39
N SER D 42 -21.71 -0.85 -8.06
CA SER D 42 -21.74 -2.19 -8.65
C SER D 42 -21.15 -3.15 -7.64
N ARG D 43 -22.01 -3.75 -6.82
CA ARG D 43 -21.60 -4.59 -5.70
C ARG D 43 -21.98 -6.05 -5.94
N GLN D 44 -21.82 -6.53 -7.17
CA GLN D 44 -22.17 -7.90 -7.51
C GLN D 44 -21.03 -8.59 -8.27
N ASP D 45 -19.82 -8.09 -8.16
CA ASP D 45 -18.68 -8.60 -8.93
C ASP D 45 -17.47 -8.79 -8.02
N PHE D 46 -17.68 -9.41 -6.87
CA PHE D 46 -16.58 -9.69 -5.96
C PHE D 46 -15.65 -10.73 -6.56
N ALA D 47 -14.38 -10.38 -6.72
CA ALA D 47 -13.37 -11.30 -7.23
C ALA D 47 -12.15 -11.24 -6.33
N GLN D 48 -11.55 -12.40 -6.07
CA GLN D 48 -10.38 -12.50 -5.21
C GLN D 48 -9.31 -13.29 -5.96
N ASP D 49 -8.18 -12.63 -6.22
CA ASP D 49 -7.03 -13.26 -6.88
C ASP D 49 -5.76 -12.75 -6.23
N PRO D 50 -5.38 -13.30 -5.07
CA PRO D 50 -4.22 -12.78 -4.35
C PRO D 50 -2.88 -13.24 -4.89
N ALA D 51 -2.86 -14.10 -5.91
CA ALA D 51 -1.60 -14.66 -6.38
C ALA D 51 -0.68 -13.60 -6.96
N LYS D 52 -1.24 -12.51 -7.47
CA LYS D 52 -0.42 -11.48 -8.09
C LYS D 52 0.35 -10.66 -7.07
N PHE D 53 0.03 -10.76 -5.79
CA PHE D 53 0.78 -10.07 -4.75
C PHE D 53 1.49 -11.01 -3.80
N THR D 54 0.98 -12.22 -3.61
CA THR D 54 1.58 -13.16 -2.66
C THR D 54 2.59 -14.08 -3.30
N ARG D 55 2.40 -14.47 -4.56
CA ARG D 55 3.33 -15.35 -5.27
C ARG D 55 3.70 -14.73 -6.61
N PRO D 56 4.41 -13.60 -6.61
CA PRO D 56 4.82 -12.97 -7.87
C PRO D 56 6.16 -13.49 -8.39
N VAL D 57 6.31 -14.80 -8.44
CA VAL D 57 7.57 -15.42 -8.80
C VAL D 57 7.41 -16.16 -10.12
N LEU D 58 8.54 -16.48 -10.74
CA LEU D 58 8.52 -17.19 -12.02
C LEU D 58 8.36 -18.69 -11.82
N ASP D 59 9.24 -19.30 -11.05
CA ASP D 59 9.20 -20.73 -10.80
C ASP D 59 8.25 -20.99 -9.64
N ALA D 60 7.10 -21.58 -9.93
CA ALA D 60 6.14 -21.89 -8.89
C ALA D 60 6.73 -22.88 -7.90
N ILE D 61 6.59 -22.59 -6.62
CA ILE D 61 7.12 -23.42 -5.56
C ILE D 61 5.98 -24.23 -4.95
N ARG D 62 6.13 -25.55 -4.93
CA ARG D 62 5.18 -26.37 -4.22
C ARG D 62 5.30 -26.12 -2.71
N GLU D 63 4.18 -26.29 -2.02
CA GLU D 63 4.18 -26.04 -0.58
C GLU D 63 5.07 -27.04 0.15
N ALA D 64 4.93 -28.33 -0.18
CA ALA D 64 5.63 -29.39 0.52
C ALA D 64 7.11 -29.47 0.16
N ALA D 65 7.61 -28.61 -0.69
CA ALA D 65 8.99 -28.68 -1.15
C ALA D 65 9.86 -27.64 -0.45
N ALA D 66 11.15 -27.93 -0.40
CA ALA D 66 12.12 -26.94 0.03
C ALA D 66 12.27 -25.90 -1.07
N PRO D 67 12.00 -24.62 -0.80
CA PRO D 67 11.93 -23.64 -1.90
C PRO D 67 13.22 -23.51 -2.68
N LEU D 68 14.36 -23.46 -2.01
CA LEU D 68 15.65 -23.30 -2.66
C LEU D 68 16.39 -24.63 -2.57
N GLN D 69 16.33 -25.40 -3.65
CA GLN D 69 17.00 -26.69 -3.68
C GLN D 69 18.00 -26.73 -4.83
#